data_2M3A
#
_entry.id   2M3A
#
_entity_poly.entity_id   1
_entity_poly.type   'polypeptide(L)'
_entity_poly.pdbx_seq_one_letter_code
;GPLGSVAKKITWRKQDLDRLKRVIALKKPSASDADWTEVLRLLAKEGVVEPEVVRQIAITRLKWVEP
;
_entity_poly.pdbx_strand_id   A
#
# COMPACT_ATOMS: atom_id res chain seq x y z
N GLY A 1 -16.97 10.75 -15.18
CA GLY A 1 -16.85 9.31 -15.22
C GLY A 1 -16.38 8.72 -13.92
N PRO A 2 -15.10 8.96 -13.58
CA PRO A 2 -14.51 8.45 -12.33
C PRO A 2 -15.06 9.14 -11.09
N LEU A 3 -14.52 8.79 -9.94
CA LEU A 3 -14.97 9.38 -8.67
C LEU A 3 -14.27 10.72 -8.43
N GLY A 4 -14.73 11.43 -7.40
CA GLY A 4 -14.15 12.71 -7.06
C GLY A 4 -12.88 12.58 -6.24
N SER A 5 -11.87 11.92 -6.82
CA SER A 5 -10.61 11.72 -6.13
C SER A 5 -9.60 11.02 -7.04
N VAL A 6 -8.66 11.80 -7.57
CA VAL A 6 -7.64 11.26 -8.46
C VAL A 6 -6.46 10.71 -7.67
N ALA A 7 -5.95 9.56 -8.09
CA ALA A 7 -4.81 8.93 -7.42
C ALA A 7 -4.30 7.73 -8.22
N LYS A 8 -3.38 8.00 -9.14
CA LYS A 8 -2.80 6.94 -9.97
C LYS A 8 -3.88 6.24 -10.78
N LYS A 9 -3.51 5.13 -11.43
CA LYS A 9 -4.46 4.37 -12.22
C LYS A 9 -5.01 3.18 -11.44
N ILE A 10 -5.01 3.30 -10.12
CA ILE A 10 -5.51 2.25 -9.25
C ILE A 10 -6.44 2.81 -8.18
N THR A 11 -7.73 2.55 -8.32
CA THR A 11 -8.72 3.03 -7.36
C THR A 11 -8.72 2.17 -6.10
N TRP A 12 -7.99 2.64 -5.09
CA TRP A 12 -7.90 1.92 -3.82
C TRP A 12 -9.27 1.84 -3.14
N ARG A 13 -9.86 0.66 -3.12
CA ARG A 13 -11.17 0.47 -2.50
C ARG A 13 -11.02 -0.22 -1.13
N LYS A 14 -12.08 -0.17 -0.34
CA LYS A 14 -12.08 -0.79 0.98
C LYS A 14 -11.78 -2.28 0.88
N GLN A 15 -12.34 -2.93 -0.12
CA GLN A 15 -12.13 -4.36 -0.33
C GLN A 15 -10.66 -4.67 -0.57
N ASP A 16 -9.98 -3.76 -1.28
CA ASP A 16 -8.57 -3.92 -1.58
C ASP A 16 -7.70 -3.56 -0.38
N LEU A 17 -8.21 -2.65 0.45
CA LEU A 17 -7.49 -2.21 1.63
C LEU A 17 -7.59 -3.25 2.75
N ASP A 18 -8.74 -3.88 2.87
CA ASP A 18 -8.96 -4.90 3.88
C ASP A 18 -7.91 -6.00 3.79
N ARG A 19 -7.59 -6.40 2.57
CA ARG A 19 -6.59 -7.45 2.35
C ARG A 19 -5.20 -6.96 2.72
N LEU A 20 -4.82 -5.82 2.17
CA LEU A 20 -3.51 -5.23 2.45
C LEU A 20 -3.26 -5.13 3.96
N LYS A 21 -4.28 -4.71 4.69
CA LYS A 21 -4.18 -4.58 6.14
C LYS A 21 -3.78 -5.91 6.78
N ARG A 22 -4.26 -7.01 6.21
CA ARG A 22 -3.96 -8.34 6.72
C ARG A 22 -2.50 -8.69 6.49
N VAL A 23 -1.90 -8.08 5.47
CA VAL A 23 -0.49 -8.32 5.14
C VAL A 23 0.43 -7.50 6.03
N ILE A 24 0.03 -6.26 6.31
CA ILE A 24 0.82 -5.37 7.15
C ILE A 24 0.92 -5.91 8.58
N ALA A 25 -0.06 -6.70 8.98
CA ALA A 25 -0.07 -7.29 10.32
C ALA A 25 0.83 -8.52 10.38
N LEU A 26 1.03 -9.17 9.24
CA LEU A 26 1.86 -10.35 9.17
C LEU A 26 3.32 -9.98 8.92
N LYS A 27 3.56 -9.26 7.83
CA LYS A 27 4.92 -8.83 7.48
C LYS A 27 5.43 -7.80 8.47
N LYS A 28 4.60 -6.82 8.78
CA LYS A 28 4.97 -5.76 9.71
C LYS A 28 6.25 -5.07 9.27
N PRO A 29 6.15 -4.24 8.22
CA PRO A 29 7.29 -3.49 7.67
C PRO A 29 7.76 -2.39 8.61
N SER A 30 8.88 -1.77 8.27
CA SER A 30 9.45 -0.70 9.09
C SER A 30 9.73 0.54 8.24
N ALA A 31 8.74 0.93 7.44
CA ALA A 31 8.87 2.10 6.59
C ALA A 31 10.12 2.02 5.72
N SER A 32 10.03 1.25 4.64
CA SER A 32 11.17 1.07 3.73
C SER A 32 10.73 0.35 2.46
N ASP A 33 11.23 0.82 1.33
CA ASP A 33 10.91 0.21 0.04
C ASP A 33 11.23 -1.28 0.03
N ALA A 34 12.45 -1.61 0.45
CA ALA A 34 12.88 -3.00 0.49
C ALA A 34 11.92 -3.86 1.28
N ASP A 35 11.47 -3.34 2.43
CA ASP A 35 10.53 -4.06 3.28
C ASP A 35 9.16 -4.14 2.63
N TRP A 36 8.71 -3.02 2.06
CA TRP A 36 7.41 -2.97 1.41
C TRP A 36 7.35 -3.93 0.24
N THR A 37 8.51 -4.23 -0.33
CA THR A 37 8.59 -5.15 -1.47
C THR A 37 7.93 -6.48 -1.16
N GLU A 38 7.89 -6.83 0.13
CA GLU A 38 7.29 -8.09 0.56
C GLU A 38 5.76 -7.98 0.56
N VAL A 39 5.24 -7.04 1.34
CA VAL A 39 3.80 -6.84 1.43
C VAL A 39 3.19 -6.58 0.06
N LEU A 40 3.89 -5.78 -0.75
CA LEU A 40 3.43 -5.46 -2.09
C LEU A 40 3.54 -6.67 -3.01
N ARG A 41 4.36 -7.64 -2.63
CA ARG A 41 4.56 -8.83 -3.42
C ARG A 41 3.25 -9.62 -3.55
N LEU A 42 2.39 -9.49 -2.55
CA LEU A 42 1.10 -10.18 -2.54
C LEU A 42 0.06 -9.40 -3.33
N LEU A 43 -0.15 -8.15 -2.94
CA LEU A 43 -1.13 -7.29 -3.62
C LEU A 43 -0.70 -7.01 -5.06
N ALA A 44 0.56 -7.30 -5.37
CA ALA A 44 1.09 -7.08 -6.71
C ALA A 44 0.21 -7.74 -7.76
N LYS A 45 -0.49 -8.81 -7.36
CA LYS A 45 -1.38 -9.52 -8.27
C LYS A 45 -2.41 -8.57 -8.88
N GLU A 46 -2.69 -7.47 -8.18
CA GLU A 46 -3.66 -6.49 -8.66
C GLU A 46 -2.96 -5.36 -9.40
N GLY A 47 -1.79 -5.66 -9.95
CA GLY A 47 -1.04 -4.65 -10.69
C GLY A 47 -0.85 -3.37 -9.88
N VAL A 48 -0.40 -3.51 -8.64
CA VAL A 48 -0.18 -2.37 -7.78
C VAL A 48 1.09 -1.63 -8.15
N VAL A 49 1.07 -0.31 -8.01
CA VAL A 49 2.23 0.51 -8.34
C VAL A 49 3.42 0.19 -7.44
N GLU A 50 4.56 0.78 -7.74
CA GLU A 50 5.77 0.55 -6.96
C GLU A 50 5.50 0.70 -5.47
N PRO A 51 6.35 0.08 -4.64
CA PRO A 51 6.22 0.13 -3.19
C PRO A 51 6.53 1.53 -2.62
N GLU A 52 7.43 2.23 -3.29
CA GLU A 52 7.82 3.58 -2.86
C GLU A 52 6.59 4.45 -2.65
N VAL A 53 5.57 4.26 -3.49
CA VAL A 53 4.34 5.02 -3.40
C VAL A 53 3.36 4.39 -2.41
N VAL A 54 3.18 3.08 -2.52
CA VAL A 54 2.28 2.34 -1.64
C VAL A 54 2.58 2.65 -0.18
N ARG A 55 3.84 2.94 0.11
CA ARG A 55 4.26 3.25 1.48
C ARG A 55 3.43 4.38 2.06
N GLN A 56 3.16 5.39 1.23
CA GLN A 56 2.37 6.54 1.67
C GLN A 56 0.88 6.26 1.54
N ILE A 57 0.52 5.42 0.57
CA ILE A 57 -0.87 5.07 0.34
C ILE A 57 -1.47 4.38 1.57
N ALA A 58 -0.76 3.37 2.07
CA ALA A 58 -1.22 2.63 3.24
C ALA A 58 -1.37 3.55 4.45
N ILE A 59 -0.72 4.70 4.40
CA ILE A 59 -0.78 5.67 5.49
C ILE A 59 -2.05 6.51 5.40
N THR A 60 -2.36 7.00 4.20
CA THR A 60 -3.53 7.82 3.98
C THR A 60 -4.77 6.95 3.72
N ARG A 61 -4.56 5.64 3.67
CA ARG A 61 -5.66 4.71 3.42
C ARG A 61 -5.87 3.79 4.63
N LEU A 62 -4.80 3.18 5.11
CA LEU A 62 -4.86 2.29 6.25
C LEU A 62 -4.46 3.01 7.53
N LYS A 63 -4.40 4.33 7.46
CA LYS A 63 -4.02 5.14 8.62
C LYS A 63 -2.72 4.64 9.24
N TRP A 64 -1.86 4.08 8.40
CA TRP A 64 -0.58 3.57 8.86
C TRP A 64 0.34 4.69 9.31
N VAL A 65 1.31 4.37 10.16
CA VAL A 65 2.26 5.37 10.65
C VAL A 65 3.61 4.73 10.95
N GLU A 66 4.65 5.25 10.28
CA GLU A 66 6.00 4.74 10.48
C GLU A 66 6.36 4.69 11.96
N PRO A 67 7.33 3.82 12.31
CA PRO A 67 7.79 3.67 13.69
C PRO A 67 8.56 4.88 14.19
N GLY A 1 -11.80 12.53 0.92
CA GLY A 1 -12.19 13.93 0.82
C GLY A 1 -12.08 14.46 -0.60
N PRO A 2 -12.56 15.69 -0.82
CA PRO A 2 -12.53 16.35 -2.13
C PRO A 2 -11.11 16.72 -2.55
N LEU A 3 -11.00 17.47 -3.63
CA LEU A 3 -9.70 17.89 -4.14
C LEU A 3 -8.85 16.69 -4.55
N GLY A 4 -8.85 16.38 -5.84
CA GLY A 4 -8.08 15.26 -6.33
C GLY A 4 -6.84 15.69 -7.08
N SER A 5 -5.80 14.86 -7.03
CA SER A 5 -4.54 15.17 -7.71
C SER A 5 -4.36 14.29 -8.94
N VAL A 6 -4.97 13.12 -8.92
CA VAL A 6 -4.88 12.19 -10.04
C VAL A 6 -3.43 11.92 -10.41
N ALA A 7 -2.79 11.01 -9.69
CA ALA A 7 -1.40 10.66 -9.95
C ALA A 7 -1.21 9.15 -9.99
N LYS A 8 -2.28 8.43 -10.31
CA LYS A 8 -2.22 6.97 -10.39
C LYS A 8 -3.43 6.42 -11.14
N LYS A 9 -3.35 5.17 -11.55
CA LYS A 9 -4.43 4.52 -12.29
C LYS A 9 -5.00 3.36 -11.50
N ILE A 10 -4.88 3.43 -10.17
CA ILE A 10 -5.40 2.37 -9.30
C ILE A 10 -6.29 2.95 -8.22
N THR A 11 -7.56 2.56 -8.23
CA THR A 11 -8.52 3.04 -7.24
C THR A 11 -8.48 2.19 -5.97
N TRP A 12 -7.97 2.77 -4.90
CA TRP A 12 -7.87 2.07 -3.62
C TRP A 12 -9.19 2.15 -2.85
N ARG A 13 -9.94 1.06 -2.85
CA ARG A 13 -11.22 1.00 -2.14
C ARG A 13 -11.05 0.43 -0.74
N LYS A 14 -12.04 0.66 0.11
CA LYS A 14 -12.01 0.17 1.48
C LYS A 14 -11.90 -1.35 1.52
N GLN A 15 -12.59 -2.00 0.59
CA GLN A 15 -12.57 -3.46 0.51
C GLN A 15 -11.19 -3.96 0.10
N ASP A 16 -10.69 -3.44 -1.02
CA ASP A 16 -9.39 -3.84 -1.53
C ASP A 16 -8.31 -3.66 -0.46
N LEU A 17 -8.52 -2.69 0.42
CA LEU A 17 -7.56 -2.42 1.49
C LEU A 17 -7.60 -3.51 2.55
N ASP A 18 -8.77 -4.14 2.70
CA ASP A 18 -8.93 -5.21 3.68
C ASP A 18 -7.93 -6.34 3.44
N ARG A 19 -7.51 -6.48 2.18
CA ARG A 19 -6.55 -7.53 1.82
C ARG A 19 -5.13 -7.09 2.16
N LEU A 20 -4.82 -5.83 1.87
CA LEU A 20 -3.48 -5.29 2.14
C LEU A 20 -3.23 -5.20 3.65
N LYS A 21 -4.22 -4.68 4.37
CA LYS A 21 -4.11 -4.53 5.82
C LYS A 21 -3.79 -5.87 6.48
N ARG A 22 -4.24 -6.95 5.84
CA ARG A 22 -4.00 -8.29 6.37
C ARG A 22 -2.55 -8.70 6.20
N VAL A 23 -1.89 -8.13 5.19
CA VAL A 23 -0.49 -8.44 4.91
C VAL A 23 0.44 -7.59 5.77
N ILE A 24 0.03 -6.35 6.00
CA ILE A 24 0.83 -5.44 6.81
C ILE A 24 0.97 -5.94 8.24
N ALA A 25 0.00 -6.73 8.68
CA ALA A 25 0.02 -7.29 10.03
C ALA A 25 0.84 -8.57 10.08
N LEU A 26 0.95 -9.24 8.94
CA LEU A 26 1.70 -10.49 8.85
C LEU A 26 3.17 -10.21 8.56
N LYS A 27 3.43 -9.16 7.81
CA LYS A 27 4.80 -8.78 7.46
C LYS A 27 5.35 -7.77 8.45
N LYS A 28 4.56 -6.75 8.75
CA LYS A 28 4.96 -5.70 9.69
C LYS A 28 6.27 -5.05 9.24
N PRO A 29 6.18 -4.22 8.18
CA PRO A 29 7.34 -3.51 7.63
C PRO A 29 7.86 -2.42 8.58
N SER A 30 8.99 -1.83 8.22
CA SER A 30 9.59 -0.78 9.04
C SER A 30 9.86 0.47 8.21
N ALA A 31 8.90 0.80 7.33
CA ALA A 31 9.02 1.98 6.48
C ALA A 31 10.29 1.90 5.62
N SER A 32 10.20 1.15 4.53
CA SER A 32 11.33 1.00 3.63
C SER A 32 10.88 0.40 2.28
N ASP A 33 11.44 0.93 1.20
CA ASP A 33 11.10 0.46 -0.14
C ASP A 33 11.25 -1.07 -0.23
N ALA A 34 12.32 -1.58 0.36
CA ALA A 34 12.57 -3.02 0.35
C ALA A 34 11.60 -3.76 1.27
N ASP A 35 11.37 -3.19 2.45
CA ASP A 35 10.46 -3.79 3.43
C ASP A 35 9.05 -3.92 2.85
N TRP A 36 8.62 -2.88 2.15
CA TRP A 36 7.28 -2.87 1.55
C TRP A 36 7.19 -3.90 0.43
N THR A 37 8.32 -4.22 -0.17
CA THR A 37 8.37 -5.19 -1.26
C THR A 37 7.77 -6.53 -0.83
N GLU A 38 7.91 -6.85 0.45
CA GLU A 38 7.39 -8.09 0.99
C GLU A 38 5.86 -8.12 0.94
N VAL A 39 5.25 -7.05 1.47
CA VAL A 39 3.80 -6.95 1.49
C VAL A 39 3.24 -6.73 0.08
N LEU A 40 3.93 -5.90 -0.70
CA LEU A 40 3.51 -5.61 -2.07
C LEU A 40 3.74 -6.81 -2.98
N ARG A 41 4.61 -7.71 -2.54
CA ARG A 41 4.91 -8.91 -3.32
C ARG A 41 3.68 -9.78 -3.49
N LEU A 42 2.76 -9.69 -2.54
CA LEU A 42 1.53 -10.47 -2.58
C LEU A 42 0.47 -9.78 -3.43
N LEU A 43 0.15 -8.55 -3.06
CA LEU A 43 -0.84 -7.77 -3.80
C LEU A 43 -0.36 -7.47 -5.22
N ALA A 44 0.93 -7.66 -5.45
CA ALA A 44 1.51 -7.42 -6.77
C ALA A 44 0.73 -8.14 -7.86
N LYS A 45 0.09 -9.24 -7.50
CA LYS A 45 -0.69 -10.02 -8.44
C LYS A 45 -1.76 -9.16 -9.11
N GLU A 46 -2.15 -8.08 -8.43
CA GLU A 46 -3.16 -7.17 -8.96
C GLU A 46 -2.51 -5.99 -9.67
N GLY A 47 -1.29 -6.20 -10.17
CA GLY A 47 -0.59 -5.14 -10.86
C GLY A 47 -0.52 -3.85 -10.07
N VAL A 48 -0.12 -3.98 -8.80
CA VAL A 48 -0.01 -2.81 -7.93
C VAL A 48 1.22 -1.98 -8.26
N VAL A 49 1.10 -0.67 -8.13
CA VAL A 49 2.21 0.24 -8.41
C VAL A 49 3.38 -0.01 -7.46
N GLU A 50 4.50 0.66 -7.71
CA GLU A 50 5.68 0.51 -6.87
C GLU A 50 5.33 0.66 -5.40
N PRO A 51 6.18 0.10 -4.53
CA PRO A 51 5.98 0.16 -3.07
C PRO A 51 6.18 1.57 -2.52
N GLU A 52 7.10 2.32 -3.11
CA GLU A 52 7.38 3.68 -2.68
C GLU A 52 6.10 4.50 -2.60
N VAL A 53 5.15 4.19 -3.47
CA VAL A 53 3.88 4.90 -3.49
C VAL A 53 2.88 4.27 -2.53
N VAL A 54 2.78 2.95 -2.56
CA VAL A 54 1.86 2.21 -1.69
C VAL A 54 2.05 2.63 -0.24
N ARG A 55 3.28 3.02 0.11
CA ARG A 55 3.58 3.44 1.48
C ARG A 55 2.69 4.60 1.90
N GLN A 56 2.83 5.72 1.19
CA GLN A 56 2.03 6.91 1.50
C GLN A 56 0.54 6.60 1.46
N ILE A 57 0.15 5.73 0.53
CA ILE A 57 -1.25 5.34 0.39
C ILE A 57 -1.75 4.61 1.63
N ALA A 58 -0.98 3.62 2.07
CA ALA A 58 -1.34 2.83 3.25
C ALA A 58 -1.40 3.71 4.48
N ILE A 59 -0.77 4.88 4.42
CA ILE A 59 -0.77 5.81 5.54
C ILE A 59 -2.02 6.68 5.54
N THR A 60 -2.40 7.16 4.37
CA THR A 60 -3.58 8.00 4.24
C THR A 60 -4.84 7.16 4.05
N ARG A 61 -4.66 5.85 3.97
CA ARG A 61 -5.78 4.94 3.79
C ARG A 61 -5.90 4.00 4.98
N LEU A 62 -4.81 3.36 5.35
CA LEU A 62 -4.79 2.43 6.48
C LEU A 62 -4.32 3.13 7.75
N LYS A 63 -4.25 4.45 7.70
CA LYS A 63 -3.82 5.24 8.85
C LYS A 63 -2.49 4.72 9.41
N TRP A 64 -1.68 4.15 8.53
CA TRP A 64 -0.38 3.60 8.94
C TRP A 64 0.57 4.72 9.35
N VAL A 65 1.47 4.40 10.27
CA VAL A 65 2.44 5.38 10.76
C VAL A 65 3.76 4.71 11.13
N GLU A 66 4.85 5.15 10.51
CA GLU A 66 6.16 4.59 10.78
C GLU A 66 6.46 4.59 12.27
N PRO A 67 7.32 3.66 12.71
CA PRO A 67 7.71 3.54 14.12
C PRO A 67 8.58 4.69 14.59
N GLY A 1 6.31 19.45 4.00
CA GLY A 1 5.03 19.32 3.33
C GLY A 1 4.89 18.00 2.60
N PRO A 2 3.78 17.85 1.86
CA PRO A 2 3.50 16.62 1.11
C PRO A 2 4.44 16.44 -0.08
N LEU A 3 4.45 15.24 -0.65
CA LEU A 3 5.31 14.94 -1.78
C LEU A 3 4.84 13.68 -2.50
N GLY A 4 4.13 13.86 -3.60
CA GLY A 4 3.63 12.72 -4.37
C GLY A 4 2.16 12.85 -4.70
N SER A 5 1.38 11.87 -4.25
CA SER A 5 -0.06 11.87 -4.51
C SER A 5 -0.35 11.87 -6.01
N VAL A 6 0.18 10.86 -6.70
CA VAL A 6 -0.02 10.74 -8.14
C VAL A 6 -1.33 10.05 -8.46
N ALA A 7 -1.98 10.47 -9.54
CA ALA A 7 -3.25 9.89 -9.95
C ALA A 7 -3.04 8.54 -10.65
N LYS A 8 -2.59 7.56 -9.87
CA LYS A 8 -2.35 6.22 -10.41
C LYS A 8 -3.60 5.68 -11.08
N LYS A 9 -3.48 4.49 -11.68
CA LYS A 9 -4.60 3.86 -12.36
C LYS A 9 -5.22 2.77 -11.49
N ILE A 10 -5.07 2.91 -10.17
CA ILE A 10 -5.61 1.94 -9.23
C ILE A 10 -6.46 2.63 -8.17
N THR A 11 -7.75 2.32 -8.16
CA THR A 11 -8.67 2.90 -7.19
C THR A 11 -8.75 2.05 -5.92
N TRP A 12 -8.00 2.44 -4.91
CA TRP A 12 -7.99 1.72 -3.64
C TRP A 12 -9.36 1.77 -2.97
N ARG A 13 -10.08 0.66 -3.01
CA ARG A 13 -11.41 0.58 -2.42
C ARG A 13 -11.33 0.05 -0.99
N LYS A 14 -12.49 -0.19 -0.38
CA LYS A 14 -12.55 -0.69 0.98
C LYS A 14 -11.98 -2.11 1.06
N GLN A 15 -12.55 -3.01 0.26
CA GLN A 15 -12.10 -4.40 0.25
C GLN A 15 -10.63 -4.49 -0.16
N ASP A 16 -10.17 -3.53 -0.95
CA ASP A 16 -8.80 -3.50 -1.41
C ASP A 16 -7.84 -3.27 -0.24
N LEU A 17 -8.18 -2.33 0.63
CA LEU A 17 -7.37 -2.00 1.79
C LEU A 17 -7.31 -3.18 2.75
N ASP A 18 -8.45 -3.79 3.01
CA ASP A 18 -8.53 -4.94 3.92
C ASP A 18 -7.58 -6.04 3.47
N ARG A 19 -7.32 -6.10 2.17
CA ARG A 19 -6.43 -7.11 1.61
C ARG A 19 -4.98 -6.82 1.97
N LEU A 20 -4.61 -5.55 1.91
CA LEU A 20 -3.25 -5.13 2.22
C LEU A 20 -3.04 -5.05 3.73
N LYS A 21 -4.12 -4.82 4.46
CA LYS A 21 -4.06 -4.72 5.91
C LYS A 21 -3.57 -6.03 6.52
N ARG A 22 -4.23 -7.13 6.17
CA ARG A 22 -3.86 -8.45 6.69
C ARG A 22 -2.39 -8.75 6.39
N VAL A 23 -1.87 -8.13 5.35
CA VAL A 23 -0.48 -8.34 4.96
C VAL A 23 0.47 -7.56 5.87
N ILE A 24 0.11 -6.31 6.15
CA ILE A 24 0.93 -5.45 7.00
C ILE A 24 0.97 -5.99 8.43
N ALA A 25 -0.07 -6.73 8.82
CA ALA A 25 -0.14 -7.30 10.15
C ALA A 25 0.69 -8.58 10.25
N LEU A 26 0.89 -9.24 9.11
CA LEU A 26 1.67 -10.47 9.07
C LEU A 26 3.14 -10.18 8.86
N LYS A 27 3.45 -9.40 7.82
CA LYS A 27 4.83 -9.04 7.51
C LYS A 27 5.40 -8.10 8.57
N LYS A 28 4.61 -7.08 8.92
CA LYS A 28 5.03 -6.12 9.93
C LYS A 28 6.39 -5.53 9.58
N PRO A 29 6.43 -4.71 8.52
CA PRO A 29 7.66 -4.06 8.06
C PRO A 29 8.14 -2.99 9.02
N SER A 30 9.33 -2.45 8.76
CA SER A 30 9.91 -1.42 9.62
C SER A 30 10.09 -0.11 8.83
N ALA A 31 9.16 0.14 7.91
CA ALA A 31 9.21 1.36 7.11
C ALA A 31 10.46 1.38 6.23
N SER A 32 10.39 0.68 5.10
CA SER A 32 11.52 0.62 4.18
C SER A 32 11.05 0.28 2.77
N ASP A 33 11.55 1.00 1.79
CA ASP A 33 11.18 0.77 0.39
C ASP A 33 11.36 -0.70 0.02
N ALA A 34 12.31 -1.36 0.67
CA ALA A 34 12.58 -2.77 0.41
C ALA A 34 11.60 -3.65 1.17
N ASP A 35 11.19 -3.20 2.35
CA ASP A 35 10.25 -3.96 3.17
C ASP A 35 8.88 -4.01 2.52
N TRP A 36 8.33 -2.84 2.20
CA TRP A 36 7.02 -2.75 1.58
C TRP A 36 6.96 -3.58 0.30
N THR A 37 8.12 -3.78 -0.31
CA THR A 37 8.22 -4.56 -1.55
C THR A 37 7.56 -5.92 -1.39
N GLU A 38 8.01 -6.67 -0.39
CA GLU A 38 7.46 -8.00 -0.12
C GLU A 38 5.98 -7.92 0.23
N VAL A 39 5.63 -6.97 1.07
CA VAL A 39 4.24 -6.79 1.49
C VAL A 39 3.33 -6.59 0.27
N LEU A 40 3.69 -5.65 -0.59
CA LEU A 40 2.90 -5.37 -1.78
C LEU A 40 3.08 -6.47 -2.82
N ARG A 41 4.15 -7.25 -2.68
CA ARG A 41 4.44 -8.33 -3.61
C ARG A 41 3.21 -9.23 -3.79
N LEU A 42 2.70 -9.77 -2.69
CA LEU A 42 1.53 -10.63 -2.73
C LEU A 42 0.34 -9.91 -3.36
N LEU A 43 0.37 -8.58 -3.32
CA LEU A 43 -0.71 -7.78 -3.89
C LEU A 43 -0.42 -7.43 -5.35
N ALA A 44 0.83 -7.67 -5.77
CA ALA A 44 1.22 -7.39 -7.15
C ALA A 44 0.26 -8.03 -8.14
N LYS A 45 -0.40 -9.10 -7.71
CA LYS A 45 -1.35 -9.80 -8.56
C LYS A 45 -2.40 -8.85 -9.11
N GLU A 46 -2.64 -7.76 -8.39
CA GLU A 46 -3.62 -6.77 -8.81
C GLU A 46 -2.95 -5.60 -9.52
N GLY A 47 -1.83 -5.88 -10.19
CA GLY A 47 -1.11 -4.85 -10.90
C GLY A 47 -0.78 -3.65 -10.02
N VAL A 48 -0.22 -3.93 -8.84
CA VAL A 48 0.15 -2.88 -7.91
C VAL A 48 1.48 -2.24 -8.28
N VAL A 49 1.59 -0.94 -8.06
CA VAL A 49 2.83 -0.22 -8.37
C VAL A 49 3.86 -0.40 -7.26
N GLU A 50 5.06 0.12 -7.50
CA GLU A 50 6.14 0.02 -6.52
C GLU A 50 5.66 0.38 -5.13
N PRO A 51 6.39 -0.08 -4.10
CA PRO A 51 6.05 0.18 -2.70
C PRO A 51 6.25 1.64 -2.31
N GLU A 52 7.04 2.35 -3.11
CA GLU A 52 7.32 3.76 -2.85
C GLU A 52 6.03 4.57 -2.86
N VAL A 53 5.09 4.20 -3.73
CA VAL A 53 3.81 4.88 -3.83
C VAL A 53 2.80 4.32 -2.85
N VAL A 54 2.69 2.99 -2.82
CA VAL A 54 1.75 2.32 -1.93
C VAL A 54 1.93 2.80 -0.49
N ARG A 55 3.15 3.19 -0.15
CA ARG A 55 3.46 3.66 1.19
C ARG A 55 2.58 4.86 1.55
N GLN A 56 2.73 5.95 0.81
CA GLN A 56 1.96 7.16 1.04
C GLN A 56 0.46 6.86 1.02
N ILE A 57 0.09 5.81 0.31
CA ILE A 57 -1.31 5.41 0.19
C ILE A 57 -1.80 4.74 1.48
N ALA A 58 -1.05 3.74 1.93
CA ALA A 58 -1.40 3.00 3.15
C ALA A 58 -1.41 3.94 4.35
N ILE A 59 -0.76 5.09 4.22
CA ILE A 59 -0.70 6.06 5.30
C ILE A 59 -1.97 6.91 5.34
N THR A 60 -2.39 7.40 4.18
CA THR A 60 -3.58 8.23 4.08
C THR A 60 -4.83 7.37 3.93
N ARG A 61 -4.64 6.06 3.85
CA ARG A 61 -5.75 5.13 3.69
C ARG A 61 -5.86 4.20 4.91
N LEU A 62 -4.75 3.58 5.28
CA LEU A 62 -4.72 2.68 6.42
C LEU A 62 -4.25 3.41 7.68
N LYS A 63 -4.14 4.73 7.59
CA LYS A 63 -3.71 5.54 8.72
C LYS A 63 -2.42 4.99 9.32
N TRP A 64 -1.60 4.38 8.48
CA TRP A 64 -0.33 3.81 8.93
C TRP A 64 0.60 4.90 9.45
N VAL A 65 1.43 4.55 10.41
CA VAL A 65 2.37 5.51 11.00
C VAL A 65 3.71 4.84 11.29
N GLU A 66 4.77 5.34 10.66
CA GLU A 66 6.11 4.79 10.86
C GLU A 66 6.45 4.70 12.34
N PRO A 67 7.43 3.86 12.67
CA PRO A 67 7.87 3.66 14.05
C PRO A 67 8.60 4.89 14.61
N GLY A 1 -2.30 23.16 -6.01
CA GLY A 1 -2.85 24.44 -6.42
C GLY A 1 -4.33 24.37 -6.74
N PRO A 2 -4.66 23.71 -7.86
CA PRO A 2 -6.05 23.55 -8.31
C PRO A 2 -6.84 22.61 -7.41
N LEU A 3 -6.14 21.70 -6.75
CA LEU A 3 -6.77 20.74 -5.85
C LEU A 3 -7.75 19.86 -6.62
N GLY A 4 -7.32 18.65 -6.97
CA GLY A 4 -8.17 17.73 -7.70
C GLY A 4 -7.70 17.51 -9.11
N SER A 5 -6.39 17.44 -9.30
CA SER A 5 -5.82 17.24 -10.63
C SER A 5 -4.75 16.13 -10.60
N VAL A 6 -4.92 15.20 -9.65
CA VAL A 6 -3.98 14.09 -9.51
C VAL A 6 -4.72 12.76 -9.43
N ALA A 7 -4.81 12.07 -10.56
CA ALA A 7 -5.48 10.78 -10.61
C ALA A 7 -4.50 9.66 -10.92
N LYS A 8 -4.42 8.68 -10.01
CA LYS A 8 -3.52 7.56 -10.18
C LYS A 8 -4.16 6.47 -11.04
N LYS A 9 -3.39 5.44 -11.36
CA LYS A 9 -3.88 4.33 -12.18
C LYS A 9 -4.28 3.15 -11.30
N ILE A 10 -4.65 3.43 -10.05
CA ILE A 10 -5.06 2.39 -9.12
C ILE A 10 -6.30 2.81 -8.34
N THR A 11 -7.29 1.92 -8.30
CA THR A 11 -8.53 2.20 -7.59
C THR A 11 -8.54 1.53 -6.22
N TRP A 12 -8.25 2.30 -5.18
CA TRP A 12 -8.22 1.79 -3.82
C TRP A 12 -9.62 1.82 -3.19
N ARG A 13 -10.26 0.65 -3.14
CA ARG A 13 -11.59 0.54 -2.57
C ARG A 13 -11.53 0.13 -1.11
N LYS A 14 -12.68 0.14 -0.45
CA LYS A 14 -12.76 -0.23 0.97
C LYS A 14 -12.33 -1.68 1.17
N GLN A 15 -12.66 -2.53 0.19
CA GLN A 15 -12.30 -3.95 0.26
C GLN A 15 -10.83 -4.16 -0.12
N ASP A 16 -10.39 -3.46 -1.16
CA ASP A 16 -9.02 -3.57 -1.62
C ASP A 16 -8.04 -3.38 -0.47
N LEU A 17 -8.16 -2.25 0.22
CA LEU A 17 -7.29 -1.94 1.35
C LEU A 17 -7.36 -3.03 2.41
N ASP A 18 -8.55 -3.62 2.57
CA ASP A 18 -8.76 -4.67 3.55
C ASP A 18 -7.75 -5.81 3.35
N ARG A 19 -7.27 -5.96 2.13
CA ARG A 19 -6.30 -7.00 1.81
C ARG A 19 -4.89 -6.59 2.24
N LEU A 20 -4.48 -5.39 1.81
CA LEU A 20 -3.16 -4.88 2.15
C LEU A 20 -2.91 -4.94 3.65
N LYS A 21 -3.93 -4.55 4.43
CA LYS A 21 -3.82 -4.56 5.87
C LYS A 21 -3.42 -5.94 6.38
N ARG A 22 -4.11 -6.97 5.89
CA ARG A 22 -3.82 -8.34 6.30
C ARG A 22 -2.35 -8.69 6.05
N VAL A 23 -1.73 -7.99 5.10
CA VAL A 23 -0.33 -8.22 4.77
C VAL A 23 0.58 -7.46 5.71
N ILE A 24 0.27 -6.19 5.94
CA ILE A 24 1.06 -5.35 6.83
C ILE A 24 1.13 -5.94 8.23
N ALA A 25 0.05 -6.58 8.65
CA ALA A 25 -0.02 -7.20 9.96
C ALA A 25 0.82 -8.47 10.03
N LEU A 26 1.04 -9.08 8.86
CA LEU A 26 1.84 -10.31 8.78
C LEU A 26 3.32 -9.98 8.65
N LYS A 27 3.66 -9.22 7.61
CA LYS A 27 5.05 -8.84 7.36
C LYS A 27 5.51 -7.81 8.38
N LYS A 28 4.69 -6.79 8.61
CA LYS A 28 5.01 -5.73 9.56
C LYS A 28 6.31 -5.02 9.16
N PRO A 29 6.22 -4.19 8.11
CA PRO A 29 7.38 -3.43 7.61
C PRO A 29 7.81 -2.34 8.57
N SER A 30 8.92 -1.67 8.24
CA SER A 30 9.45 -0.60 9.09
C SER A 30 9.70 0.65 8.26
N ALA A 31 8.77 0.96 7.37
CA ALA A 31 8.90 2.14 6.52
C ALA A 31 10.14 2.07 5.65
N SER A 32 10.07 1.27 4.59
CA SER A 32 11.20 1.11 3.68
C SER A 32 10.77 0.46 2.38
N ASP A 33 11.14 1.06 1.25
CA ASP A 33 10.78 0.55 -0.05
C ASP A 33 11.17 -0.92 -0.18
N ALA A 34 12.23 -1.31 0.51
CA ALA A 34 12.70 -2.69 0.48
C ALA A 34 11.76 -3.61 1.26
N ASP A 35 11.54 -3.29 2.53
CA ASP A 35 10.67 -4.09 3.37
C ASP A 35 9.27 -4.20 2.76
N TRP A 36 8.82 -3.11 2.13
CA TRP A 36 7.51 -3.09 1.50
C TRP A 36 7.43 -4.08 0.36
N THR A 37 8.59 -4.46 -0.18
CA THR A 37 8.64 -5.41 -1.27
C THR A 37 7.98 -6.74 -0.91
N GLU A 38 8.07 -7.09 0.37
CA GLU A 38 7.48 -8.34 0.86
C GLU A 38 5.98 -8.17 1.10
N VAL A 39 5.56 -6.93 1.34
CA VAL A 39 4.16 -6.63 1.59
C VAL A 39 3.39 -6.45 0.28
N LEU A 40 4.05 -5.85 -0.71
CA LEU A 40 3.42 -5.62 -2.01
C LEU A 40 3.46 -6.89 -2.85
N ARG A 41 4.35 -7.81 -2.50
CA ARG A 41 4.48 -9.07 -3.22
C ARG A 41 3.13 -9.74 -3.39
N LEU A 42 2.25 -9.55 -2.40
CA LEU A 42 0.92 -10.14 -2.44
C LEU A 42 -0.05 -9.28 -3.25
N LEU A 43 -0.01 -7.97 -2.99
CA LEU A 43 -0.88 -7.04 -3.70
C LEU A 43 -0.53 -6.97 -5.18
N ALA A 44 0.64 -7.50 -5.52
CA ALA A 44 1.09 -7.50 -6.91
C ALA A 44 0.11 -8.25 -7.81
N LYS A 45 -0.73 -9.09 -7.20
CA LYS A 45 -1.71 -9.85 -7.94
C LYS A 45 -2.60 -8.94 -8.79
N GLU A 46 -2.72 -7.68 -8.37
CA GLU A 46 -3.53 -6.72 -9.08
C GLU A 46 -2.65 -5.70 -9.81
N GLY A 47 -1.43 -6.11 -10.13
CA GLY A 47 -0.52 -5.22 -10.83
C GLY A 47 -0.37 -3.88 -10.14
N VAL A 48 -0.14 -3.90 -8.84
CA VAL A 48 0.01 -2.67 -8.06
C VAL A 48 1.34 -1.99 -8.38
N VAL A 49 1.33 -0.66 -8.38
CA VAL A 49 2.54 0.11 -8.66
C VAL A 49 3.60 -0.13 -7.60
N GLU A 50 4.78 0.43 -7.82
CA GLU A 50 5.89 0.27 -6.88
C GLU A 50 5.43 0.49 -5.44
N PRO A 51 6.20 -0.05 -4.49
CA PRO A 51 5.88 0.08 -3.06
C PRO A 51 6.07 1.51 -2.55
N GLU A 52 6.84 2.30 -3.28
CA GLU A 52 7.10 3.68 -2.90
C GLU A 52 5.78 4.42 -2.64
N VAL A 53 4.73 4.01 -3.34
CA VAL A 53 3.42 4.63 -3.18
C VAL A 53 2.63 3.98 -2.05
N VAL A 54 2.58 2.66 -2.06
CA VAL A 54 1.86 1.90 -1.04
C VAL A 54 2.30 2.33 0.36
N ARG A 55 3.55 2.77 0.48
CA ARG A 55 4.10 3.20 1.75
C ARG A 55 3.33 4.41 2.29
N GLN A 56 3.05 5.37 1.41
CA GLN A 56 2.32 6.57 1.80
C GLN A 56 0.82 6.33 1.77
N ILE A 57 0.34 5.72 0.69
CA ILE A 57 -1.08 5.42 0.53
C ILE A 57 -1.61 4.65 1.74
N ALA A 58 -0.83 3.68 2.21
CA ALA A 58 -1.22 2.87 3.36
C ALA A 58 -1.35 3.73 4.61
N ILE A 59 -0.72 4.89 4.59
CA ILE A 59 -0.76 5.80 5.74
C ILE A 59 -2.01 6.68 5.69
N THR A 60 -2.34 7.16 4.50
CA THR A 60 -3.51 8.02 4.32
C THR A 60 -4.77 7.19 4.09
N ARG A 61 -4.59 5.87 3.98
CA ARG A 61 -5.71 4.97 3.75
C ARG A 61 -5.88 4.01 4.92
N LEU A 62 -4.79 3.35 5.31
CA LEU A 62 -4.82 2.40 6.41
C LEU A 62 -4.38 3.07 7.72
N LYS A 63 -4.30 4.40 7.70
CA LYS A 63 -3.89 5.16 8.88
C LYS A 63 -2.59 4.62 9.44
N TRP A 64 -1.76 4.06 8.58
CA TRP A 64 -0.47 3.51 9.00
C TRP A 64 0.45 4.61 9.51
N VAL A 65 1.42 4.23 10.34
CA VAL A 65 2.37 5.18 10.91
C VAL A 65 3.71 4.52 11.18
N GLU A 66 4.75 5.03 10.55
CA GLU A 66 6.10 4.48 10.73
C GLU A 66 6.45 4.39 12.21
N PRO A 67 7.40 3.50 12.54
CA PRO A 67 7.84 3.29 13.92
C PRO A 67 8.65 4.48 14.45
N GLY A 1 -6.80 22.43 0.49
CA GLY A 1 -6.65 22.33 -0.95
C GLY A 1 -7.63 21.35 -1.57
N PRO A 2 -7.37 20.98 -2.84
CA PRO A 2 -8.23 20.04 -3.57
C PRO A 2 -8.14 18.62 -3.02
N LEU A 3 -8.95 17.72 -3.59
CA LEU A 3 -8.96 16.33 -3.15
C LEU A 3 -8.48 15.41 -4.27
N GLY A 4 -7.65 15.94 -5.16
CA GLY A 4 -7.13 15.15 -6.26
C GLY A 4 -8.24 14.54 -7.10
N SER A 5 -7.85 13.79 -8.13
CA SER A 5 -8.83 13.16 -9.02
C SER A 5 -8.79 11.64 -8.87
N VAL A 6 -9.05 11.16 -7.66
CA VAL A 6 -9.04 9.74 -7.38
C VAL A 6 -7.66 9.13 -7.61
N ALA A 7 -6.72 9.45 -6.74
CA ALA A 7 -5.37 8.94 -6.85
C ALA A 7 -4.78 9.24 -8.22
N LYS A 8 -3.58 8.71 -8.48
CA LYS A 8 -2.92 8.93 -9.75
C LYS A 8 -3.46 7.99 -10.82
N LYS A 9 -3.08 6.72 -10.75
CA LYS A 9 -3.53 5.71 -11.70
C LYS A 9 -3.76 4.38 -11.02
N ILE A 10 -4.05 4.42 -9.72
CA ILE A 10 -4.29 3.20 -8.95
C ILE A 10 -5.67 3.23 -8.31
N THR A 11 -6.39 2.13 -8.41
CA THR A 11 -7.72 2.02 -7.83
C THR A 11 -7.68 1.37 -6.45
N TRP A 12 -7.81 2.17 -5.41
CA TRP A 12 -7.79 1.67 -4.04
C TRP A 12 -9.20 1.57 -3.47
N ARG A 13 -9.73 0.35 -3.43
CA ARG A 13 -11.06 0.11 -2.91
C ARG A 13 -11.01 -0.44 -1.49
N LYS A 14 -12.08 -0.21 -0.73
CA LYS A 14 -12.15 -0.70 0.65
C LYS A 14 -11.89 -2.19 0.71
N GLN A 15 -12.29 -2.91 -0.34
CA GLN A 15 -12.10 -4.35 -0.40
C GLN A 15 -10.61 -4.70 -0.57
N ASP A 16 -9.91 -3.87 -1.31
CA ASP A 16 -8.48 -4.09 -1.55
C ASP A 16 -7.66 -3.71 -0.32
N LEU A 17 -8.02 -2.58 0.30
CA LEU A 17 -7.31 -2.10 1.48
C LEU A 17 -7.36 -3.14 2.59
N ASP A 18 -8.53 -3.74 2.79
CA ASP A 18 -8.71 -4.75 3.82
C ASP A 18 -7.66 -5.85 3.70
N ARG A 19 -7.26 -6.15 2.46
CA ARG A 19 -6.27 -7.18 2.21
C ARG A 19 -4.87 -6.69 2.61
N LEU A 20 -4.55 -5.46 2.25
CA LEU A 20 -3.25 -4.88 2.59
C LEU A 20 -2.96 -5.01 4.07
N LYS A 21 -3.98 -4.74 4.89
CA LYS A 21 -3.83 -4.83 6.34
C LYS A 21 -3.40 -6.23 6.76
N ARG A 22 -4.06 -7.24 6.21
CA ARG A 22 -3.74 -8.63 6.53
C ARG A 22 -2.27 -8.92 6.28
N VAL A 23 -1.67 -8.18 5.36
CA VAL A 23 -0.27 -8.36 5.02
C VAL A 23 0.63 -7.59 5.98
N ILE A 24 0.30 -6.32 6.19
CA ILE A 24 1.07 -5.47 7.10
C ILE A 24 1.09 -6.05 8.51
N ALA A 25 0.06 -6.82 8.84
CA ALA A 25 -0.05 -7.43 10.16
C ALA A 25 0.90 -8.62 10.29
N LEU A 26 1.13 -9.31 9.18
CA LEU A 26 2.02 -10.46 9.18
C LEU A 26 3.46 -10.05 8.92
N LYS A 27 3.69 -9.36 7.80
CA LYS A 27 5.02 -8.90 7.44
C LYS A 27 5.56 -7.93 8.49
N LYS A 28 4.73 -6.97 8.87
CA LYS A 28 5.11 -5.97 9.87
C LYS A 28 6.39 -5.26 9.45
N PRO A 29 6.27 -4.41 8.42
CA PRO A 29 7.41 -3.64 7.91
C PRO A 29 7.88 -2.56 8.87
N SER A 30 9.03 -1.96 8.59
CA SER A 30 9.58 -0.91 9.44
C SER A 30 9.98 0.30 8.60
N ALA A 31 9.07 0.75 7.75
CA ALA A 31 9.33 1.91 6.90
C ALA A 31 10.55 1.68 6.02
N SER A 32 10.39 0.85 4.99
CA SER A 32 11.48 0.54 4.07
C SER A 32 10.94 0.16 2.69
N ASP A 33 11.43 0.84 1.66
CA ASP A 33 11.00 0.57 0.30
C ASP A 33 11.22 -0.90 -0.06
N ALA A 34 12.21 -1.52 0.58
CA ALA A 34 12.51 -2.92 0.33
C ALA A 34 11.54 -3.84 1.07
N ASP A 35 11.10 -3.39 2.24
CA ASP A 35 10.17 -4.16 3.05
C ASP A 35 8.77 -4.17 2.43
N TRP A 36 8.31 -3.00 2.02
CA TRP A 36 6.99 -2.87 1.42
C TRP A 36 6.89 -3.72 0.15
N THR A 37 8.04 -3.97 -0.47
CA THR A 37 8.08 -4.77 -1.69
C THR A 37 7.41 -6.12 -1.49
N GLU A 38 7.68 -6.75 -0.35
CA GLU A 38 7.12 -8.05 -0.03
C GLU A 38 5.65 -7.91 0.37
N VAL A 39 5.32 -6.81 1.04
CA VAL A 39 3.95 -6.57 1.48
C VAL A 39 3.02 -6.37 0.29
N LEU A 40 3.44 -5.53 -0.65
CA LEU A 40 2.64 -5.26 -1.84
C LEU A 40 2.80 -6.36 -2.88
N ARG A 41 3.87 -7.14 -2.74
CA ARG A 41 4.14 -8.24 -3.65
C ARG A 41 2.91 -9.14 -3.79
N LEU A 42 2.44 -9.65 -2.67
CA LEU A 42 1.27 -10.53 -2.67
C LEU A 42 0.05 -9.83 -3.29
N LEU A 43 0.08 -8.51 -3.30
CA LEU A 43 -1.01 -7.72 -3.87
C LEU A 43 -0.74 -7.40 -5.34
N ALA A 44 0.50 -7.62 -5.76
CA ALA A 44 0.89 -7.36 -7.15
C ALA A 44 -0.06 -8.06 -8.12
N LYS A 45 -0.71 -9.12 -7.65
CA LYS A 45 -1.64 -9.87 -8.47
C LYS A 45 -2.76 -8.99 -8.98
N GLU A 46 -2.97 -7.86 -8.31
CA GLU A 46 -4.02 -6.91 -8.70
C GLU A 46 -3.45 -5.79 -9.54
N GLY A 47 -2.13 -5.78 -9.71
CA GLY A 47 -1.48 -4.76 -10.50
C GLY A 47 -1.06 -3.56 -9.66
N VAL A 48 -0.70 -3.83 -8.40
CA VAL A 48 -0.27 -2.77 -7.50
C VAL A 48 1.05 -2.15 -7.96
N VAL A 49 1.17 -0.83 -7.81
CA VAL A 49 2.38 -0.13 -8.20
C VAL A 49 3.48 -0.32 -7.16
N GLU A 50 4.67 0.19 -7.48
CA GLU A 50 5.82 0.08 -6.59
C GLU A 50 5.43 0.45 -5.16
N PRO A 51 6.22 -0.02 -4.19
CA PRO A 51 5.98 0.26 -2.77
C PRO A 51 6.24 1.73 -2.41
N GLU A 52 6.90 2.44 -3.31
CA GLU A 52 7.21 3.85 -3.10
C GLU A 52 5.94 4.67 -2.89
N VAL A 53 4.88 4.29 -3.62
CA VAL A 53 3.60 4.99 -3.52
C VAL A 53 2.74 4.41 -2.41
N VAL A 54 2.56 3.09 -2.44
CA VAL A 54 1.77 2.41 -1.43
C VAL A 54 2.22 2.78 -0.02
N ARG A 55 3.50 3.09 0.12
CA ARG A 55 4.06 3.47 1.41
C ARG A 55 3.32 4.67 2.00
N GLN A 56 3.04 5.66 1.15
CA GLN A 56 2.34 6.85 1.57
C GLN A 56 0.83 6.64 1.56
N ILE A 57 0.35 5.91 0.55
CA ILE A 57 -1.07 5.63 0.42
C ILE A 57 -1.59 4.86 1.63
N ALA A 58 -0.82 3.87 2.07
CA ALA A 58 -1.21 3.06 3.22
C ALA A 58 -1.35 3.92 4.47
N ILE A 59 -0.76 5.10 4.44
CA ILE A 59 -0.82 6.01 5.58
C ILE A 59 -2.13 6.80 5.58
N THR A 60 -2.49 7.32 4.41
CA THR A 60 -3.72 8.10 4.28
C THR A 60 -4.91 7.19 4.01
N ARG A 61 -4.66 5.89 3.89
CA ARG A 61 -5.71 4.93 3.63
C ARG A 61 -5.85 3.94 4.79
N LEU A 62 -4.72 3.36 5.19
CA LEU A 62 -4.72 2.40 6.30
C LEU A 62 -4.32 3.08 7.61
N LYS A 63 -4.31 4.41 7.60
CA LYS A 63 -3.95 5.18 8.78
C LYS A 63 -2.62 4.70 9.36
N TRP A 64 -1.74 4.20 8.50
CA TRP A 64 -0.44 3.71 8.92
C TRP A 64 0.45 4.87 9.35
N VAL A 65 1.42 4.57 10.22
CA VAL A 65 2.34 5.59 10.71
C VAL A 65 3.70 4.97 11.06
N GLU A 66 4.75 5.47 10.40
CA GLU A 66 6.10 4.97 10.63
C GLU A 66 6.43 4.97 12.13
N PRO A 67 7.39 4.11 12.52
CA PRO A 67 7.82 4.00 13.91
C PRO A 67 8.57 5.23 14.40
N GLY A 1 -18.50 2.50 0.83
CA GLY A 1 -19.70 3.21 0.43
C GLY A 1 -19.76 3.45 -1.06
N PRO A 2 -20.76 4.23 -1.50
CA PRO A 2 -20.95 4.55 -2.92
C PRO A 2 -19.86 5.47 -3.46
N LEU A 3 -18.85 4.89 -4.08
CA LEU A 3 -17.74 5.65 -4.64
C LEU A 3 -17.15 4.95 -5.86
N GLY A 4 -17.54 5.39 -7.04
CA GLY A 4 -17.04 4.79 -8.27
C GLY A 4 -15.72 5.41 -8.72
N SER A 5 -15.35 5.14 -9.97
CA SER A 5 -14.11 5.68 -10.53
C SER A 5 -13.97 5.29 -11.99
N VAL A 6 -13.15 6.05 -12.72
CA VAL A 6 -12.92 5.79 -14.13
C VAL A 6 -12.17 4.48 -14.34
N ALA A 7 -11.84 4.18 -15.59
CA ALA A 7 -11.12 2.95 -15.92
C ALA A 7 -9.64 3.22 -16.08
N LYS A 8 -9.12 4.17 -15.31
CA LYS A 8 -7.71 4.52 -15.36
C LYS A 8 -7.14 4.75 -13.97
N LYS A 9 -5.83 4.63 -13.84
CA LYS A 9 -5.17 4.82 -12.56
C LYS A 9 -5.61 3.78 -11.54
N ILE A 10 -4.88 3.65 -10.45
CA ILE A 10 -5.22 2.70 -9.40
C ILE A 10 -6.41 3.16 -8.58
N THR A 11 -7.38 2.27 -8.39
CA THR A 11 -8.57 2.59 -7.63
C THR A 11 -8.58 1.88 -6.27
N TRP A 12 -8.04 2.55 -5.26
CA TRP A 12 -7.98 1.97 -3.93
C TRP A 12 -9.36 1.96 -3.27
N ARG A 13 -9.94 0.77 -3.13
CA ARG A 13 -11.25 0.63 -2.52
C ARG A 13 -11.15 0.03 -1.12
N LYS A 14 -12.26 0.01 -0.41
CA LYS A 14 -12.30 -0.53 0.95
C LYS A 14 -11.95 -2.01 0.94
N GLN A 15 -12.31 -2.71 -0.14
CA GLN A 15 -12.02 -4.13 -0.26
C GLN A 15 -10.54 -4.37 -0.50
N ASP A 16 -9.91 -3.49 -1.28
CA ASP A 16 -8.49 -3.61 -1.58
C ASP A 16 -7.65 -3.34 -0.34
N LEU A 17 -7.93 -2.24 0.34
CA LEU A 17 -7.20 -1.86 1.54
C LEU A 17 -7.35 -2.92 2.62
N ASP A 18 -8.51 -3.57 2.63
CA ASP A 18 -8.79 -4.62 3.62
C ASP A 18 -7.74 -5.72 3.56
N ARG A 19 -7.36 -6.09 2.34
CA ARG A 19 -6.36 -7.14 2.15
C ARG A 19 -4.96 -6.63 2.49
N LEU A 20 -4.63 -5.44 2.01
CA LEU A 20 -3.33 -4.84 2.27
C LEU A 20 -3.02 -4.83 3.76
N LYS A 21 -4.04 -4.59 4.58
CA LYS A 21 -3.89 -4.56 6.02
C LYS A 21 -3.48 -5.93 6.56
N ARG A 22 -4.13 -6.97 6.03
CA ARG A 22 -3.83 -8.34 6.46
C ARG A 22 -2.37 -8.68 6.22
N VAL A 23 -1.76 -8.01 5.25
CA VAL A 23 -0.35 -8.24 4.92
C VAL A 23 0.56 -7.48 5.86
N ILE A 24 0.29 -6.19 6.05
CA ILE A 24 1.09 -5.36 6.92
C ILE A 24 1.19 -5.95 8.32
N ALA A 25 0.17 -6.73 8.69
CA ALA A 25 0.13 -7.38 10.00
C ALA A 25 1.06 -8.58 10.04
N LEU A 26 1.24 -9.23 8.90
CA LEU A 26 2.11 -10.40 8.81
C LEU A 26 3.55 -10.00 8.53
N LYS A 27 3.76 -9.26 7.45
CA LYS A 27 5.09 -8.81 7.08
C LYS A 27 5.63 -7.79 8.08
N LYS A 28 4.79 -6.83 8.45
CA LYS A 28 5.17 -5.80 9.41
C LYS A 28 6.43 -5.07 8.95
N PRO A 29 6.28 -4.22 7.93
CA PRO A 29 7.40 -3.43 7.38
C PRO A 29 7.89 -2.36 8.35
N SER A 30 8.98 -1.69 7.98
CA SER A 30 9.56 -0.65 8.81
C SER A 30 9.79 0.63 8.00
N ALA A 31 8.79 1.02 7.23
CA ALA A 31 8.88 2.23 6.40
C ALA A 31 10.10 2.17 5.49
N SER A 32 9.99 1.38 4.43
CA SER A 32 11.08 1.24 3.48
C SER A 32 10.70 0.30 2.33
N ASP A 33 11.01 0.70 1.10
CA ASP A 33 10.69 -0.09 -0.07
C ASP A 33 11.28 -1.49 0.06
N ALA A 34 12.35 -1.62 0.83
CA ALA A 34 13.00 -2.91 1.03
C ALA A 34 12.09 -3.87 1.77
N ASP A 35 11.28 -3.33 2.68
CA ASP A 35 10.36 -4.14 3.47
C ASP A 35 8.99 -4.21 2.79
N TRP A 36 8.60 -3.12 2.13
CA TRP A 36 7.32 -3.05 1.45
C TRP A 36 7.29 -4.01 0.26
N THR A 37 8.47 -4.41 -0.20
CA THR A 37 8.57 -5.32 -1.35
C THR A 37 7.90 -6.65 -1.04
N GLU A 38 7.97 -7.08 0.22
CA GLU A 38 7.36 -8.33 0.63
C GLU A 38 5.87 -8.17 0.86
N VAL A 39 5.47 -6.98 1.29
CA VAL A 39 4.07 -6.69 1.55
C VAL A 39 3.30 -6.46 0.25
N LEU A 40 3.95 -5.82 -0.72
CA LEU A 40 3.33 -5.55 -2.01
C LEU A 40 3.36 -6.78 -2.90
N ARG A 41 4.24 -7.72 -2.58
CA ARG A 41 4.37 -8.95 -3.35
C ARG A 41 3.02 -9.64 -3.51
N LEU A 42 2.27 -9.73 -2.42
CA LEU A 42 0.96 -10.36 -2.44
C LEU A 42 -0.02 -9.55 -3.28
N LEU A 43 -0.07 -8.24 -3.02
CA LEU A 43 -0.96 -7.36 -3.75
C LEU A 43 -0.57 -7.27 -5.22
N ALA A 44 0.63 -7.74 -5.54
CA ALA A 44 1.13 -7.72 -6.91
C ALA A 44 0.13 -8.37 -7.86
N LYS A 45 -0.69 -9.27 -7.33
CA LYS A 45 -1.70 -9.96 -8.13
C LYS A 45 -2.62 -8.96 -8.82
N GLU A 46 -2.72 -7.77 -8.24
CA GLU A 46 -3.57 -6.72 -8.79
C GLU A 46 -2.75 -5.67 -9.53
N GLY A 47 -1.54 -6.06 -9.94
CA GLY A 47 -0.67 -5.14 -10.64
C GLY A 47 -0.51 -3.82 -9.92
N VAL A 48 -0.21 -3.88 -8.62
CA VAL A 48 -0.02 -2.69 -7.82
C VAL A 48 1.29 -1.99 -8.15
N VAL A 49 1.27 -0.67 -8.15
CA VAL A 49 2.46 0.12 -8.46
C VAL A 49 3.55 -0.11 -7.43
N GLU A 50 4.72 0.47 -7.67
CA GLU A 50 5.85 0.32 -6.75
C GLU A 50 5.41 0.55 -5.31
N PRO A 51 6.21 0.03 -4.36
CA PRO A 51 5.92 0.17 -2.93
C PRO A 51 6.10 1.60 -2.43
N GLU A 52 6.88 2.38 -3.16
CA GLU A 52 7.12 3.78 -2.80
C GLU A 52 5.81 4.52 -2.57
N VAL A 53 4.78 4.12 -3.31
CA VAL A 53 3.46 4.75 -3.19
C VAL A 53 2.63 4.09 -2.09
N VAL A 54 2.54 2.77 -2.15
CA VAL A 54 1.78 2.01 -1.16
C VAL A 54 2.22 2.37 0.26
N ARG A 55 3.47 2.76 0.40
CA ARG A 55 4.01 3.13 1.70
C ARG A 55 3.33 4.38 2.25
N GLN A 56 3.07 5.35 1.37
CA GLN A 56 2.41 6.58 1.77
C GLN A 56 0.90 6.43 1.76
N ILE A 57 0.38 5.82 0.68
CA ILE A 57 -1.05 5.60 0.55
C ILE A 57 -1.60 4.82 1.73
N ALA A 58 -0.85 3.82 2.17
CA ALA A 58 -1.26 2.99 3.30
C ALA A 58 -1.41 3.82 4.57
N ILE A 59 -0.79 4.99 4.57
CA ILE A 59 -0.86 5.89 5.72
C ILE A 59 -2.14 6.72 5.70
N THR A 60 -2.47 7.25 4.54
CA THR A 60 -3.67 8.07 4.38
C THR A 60 -4.88 7.21 4.08
N ARG A 61 -4.66 5.91 3.96
CA ARG A 61 -5.75 4.97 3.67
C ARG A 61 -5.93 3.98 4.82
N LEU A 62 -4.84 3.36 5.25
CA LEU A 62 -4.87 2.40 6.34
C LEU A 62 -4.46 3.04 7.65
N LYS A 63 -4.43 4.37 7.66
CA LYS A 63 -4.06 5.12 8.86
C LYS A 63 -2.74 4.60 9.44
N TRP A 64 -1.88 4.10 8.56
CA TRP A 64 -0.58 3.58 8.98
C TRP A 64 0.31 4.69 9.53
N VAL A 65 1.26 4.33 10.37
CA VAL A 65 2.18 5.29 10.96
C VAL A 65 3.54 4.65 11.25
N GLU A 66 4.57 5.15 10.58
CA GLU A 66 5.92 4.63 10.77
C GLU A 66 6.29 4.60 12.25
N PRO A 67 7.25 3.73 12.60
CA PRO A 67 7.72 3.58 13.99
C PRO A 67 8.50 4.80 14.46
N GLY A 1 -12.00 10.12 3.59
CA GLY A 1 -12.27 10.75 2.31
C GLY A 1 -13.20 9.93 1.45
N PRO A 2 -13.39 10.38 0.19
CA PRO A 2 -14.27 9.69 -0.76
C PRO A 2 -13.69 8.36 -1.23
N LEU A 3 -14.52 7.53 -1.85
CA LEU A 3 -14.10 6.23 -2.34
C LEU A 3 -13.35 6.37 -3.66
N GLY A 4 -12.03 6.54 -3.58
CA GLY A 4 -11.22 6.69 -4.76
C GLY A 4 -10.65 8.08 -4.91
N SER A 5 -9.54 8.19 -5.66
CA SER A 5 -8.90 9.48 -5.87
C SER A 5 -8.51 9.65 -7.34
N VAL A 6 -8.15 10.87 -7.71
CA VAL A 6 -7.75 11.16 -9.08
C VAL A 6 -6.33 10.70 -9.36
N ALA A 7 -5.88 10.86 -10.60
CA ALA A 7 -4.54 10.46 -10.99
C ALA A 7 -4.34 8.96 -10.79
N LYS A 8 -3.13 8.49 -11.09
CA LYS A 8 -2.81 7.08 -10.94
C LYS A 8 -3.79 6.20 -11.71
N LYS A 9 -3.67 4.89 -11.56
CA LYS A 9 -4.55 3.94 -12.24
C LYS A 9 -5.00 2.84 -11.29
N ILE A 10 -5.00 3.14 -10.00
CA ILE A 10 -5.41 2.16 -8.98
C ILE A 10 -6.32 2.81 -7.94
N THR A 11 -7.63 2.53 -8.06
CA THR A 11 -8.60 3.08 -7.13
C THR A 11 -8.63 2.28 -5.84
N TRP A 12 -7.99 2.81 -4.81
CA TRP A 12 -7.95 2.15 -3.50
C TRP A 12 -9.29 2.22 -2.81
N ARG A 13 -10.03 1.11 -2.84
CA ARG A 13 -11.34 1.05 -2.20
C ARG A 13 -11.24 0.55 -0.77
N LYS A 14 -12.31 0.72 0.00
CA LYS A 14 -12.34 0.28 1.39
C LYS A 14 -12.06 -1.22 1.49
N GLN A 15 -12.50 -1.97 0.48
CA GLN A 15 -12.31 -3.42 0.46
C GLN A 15 -10.89 -3.75 -0.02
N ASP A 16 -10.45 -3.06 -1.06
CA ASP A 16 -9.12 -3.29 -1.62
C ASP A 16 -8.06 -3.23 -0.52
N LEU A 17 -8.22 -2.29 0.39
CA LEU A 17 -7.27 -2.13 1.49
C LEU A 17 -7.31 -3.33 2.43
N ASP A 18 -8.48 -3.94 2.54
CA ASP A 18 -8.65 -5.11 3.41
C ASP A 18 -7.60 -6.17 3.10
N ARG A 19 -7.36 -6.39 1.80
CA ARG A 19 -6.39 -7.40 1.38
C ARG A 19 -4.97 -6.95 1.70
N LEU A 20 -4.65 -5.70 1.36
CA LEU A 20 -3.32 -5.16 1.61
C LEU A 20 -2.99 -5.22 3.10
N LYS A 21 -3.85 -4.62 3.93
CA LYS A 21 -3.65 -4.61 5.36
C LYS A 21 -3.40 -6.02 5.89
N ARG A 22 -3.99 -7.01 5.21
CA ARG A 22 -3.82 -8.40 5.61
C ARG A 22 -2.35 -8.80 5.64
N VAL A 23 -1.60 -8.32 4.66
CA VAL A 23 -0.17 -8.61 4.57
C VAL A 23 0.65 -7.67 5.45
N ILE A 24 0.23 -6.41 5.50
CA ILE A 24 0.91 -5.41 6.31
C ILE A 24 1.05 -5.87 7.75
N ALA A 25 0.11 -6.68 8.21
CA ALA A 25 0.13 -7.19 9.58
C ALA A 25 1.04 -8.41 9.69
N LEU A 26 1.22 -9.11 8.58
CA LEU A 26 2.08 -10.30 8.55
C LEU A 26 3.55 -9.92 8.68
N LYS A 27 4.01 -9.07 7.76
CA LYS A 27 5.40 -8.63 7.78
C LYS A 27 5.59 -7.44 8.73
N LYS A 28 4.70 -6.47 8.63
CA LYS A 28 4.76 -5.29 9.48
C LYS A 28 6.17 -4.69 9.49
N PRO A 29 6.53 -4.03 8.38
CA PRO A 29 7.84 -3.40 8.23
C PRO A 29 8.01 -2.18 9.13
N SER A 30 9.21 -1.61 9.14
CA SER A 30 9.50 -0.45 9.97
C SER A 30 9.27 0.84 9.19
N ALA A 31 10.00 0.99 8.08
CA ALA A 31 9.87 2.18 7.24
C ALA A 31 10.88 2.15 6.09
N SER A 32 10.49 1.52 4.99
CA SER A 32 11.36 1.42 3.83
C SER A 32 10.67 0.67 2.69
N ASP A 33 11.04 0.99 1.46
CA ASP A 33 10.47 0.33 0.29
C ASP A 33 10.94 -1.10 0.17
N ALA A 34 12.21 -1.34 0.51
CA ALA A 34 12.79 -2.67 0.45
C ALA A 34 12.03 -3.64 1.34
N ASP A 35 11.37 -3.10 2.37
CA ASP A 35 10.61 -3.91 3.30
C ASP A 35 9.15 -4.05 2.84
N TRP A 36 8.55 -2.94 2.48
CA TRP A 36 7.16 -2.93 2.02
C TRP A 36 7.01 -3.71 0.72
N THR A 37 8.10 -3.79 -0.04
CA THR A 37 8.10 -4.50 -1.31
C THR A 37 7.64 -5.94 -1.14
N GLU A 38 7.97 -6.53 0.01
CA GLU A 38 7.58 -7.90 0.30
C GLU A 38 6.10 -7.99 0.63
N VAL A 39 5.53 -6.88 1.08
CA VAL A 39 4.11 -6.83 1.44
C VAL A 39 3.24 -6.70 0.19
N LEU A 40 3.70 -5.92 -0.77
CA LEU A 40 2.97 -5.70 -2.01
C LEU A 40 3.10 -6.91 -2.93
N ARG A 41 4.12 -7.73 -2.68
CA ARG A 41 4.36 -8.92 -3.49
C ARG A 41 3.07 -9.74 -3.63
N LEU A 42 2.50 -10.14 -2.51
CA LEU A 42 1.27 -10.93 -2.51
C LEU A 42 0.14 -10.19 -3.23
N LEU A 43 0.27 -8.88 -3.31
CA LEU A 43 -0.73 -8.05 -3.97
C LEU A 43 -0.39 -7.86 -5.45
N ALA A 44 0.83 -8.23 -5.82
CA ALA A 44 1.27 -8.11 -7.21
C ALA A 44 0.28 -8.76 -8.16
N LYS A 45 -0.48 -9.73 -7.64
CA LYS A 45 -1.48 -10.43 -8.45
C LYS A 45 -2.47 -9.46 -9.07
N GLU A 46 -2.60 -8.29 -8.45
CA GLU A 46 -3.52 -7.27 -8.93
C GLU A 46 -2.76 -6.14 -9.63
N GLY A 47 -1.55 -6.44 -10.08
CA GLY A 47 -0.74 -5.44 -10.77
C GLY A 47 -0.62 -4.16 -9.97
N VAL A 48 -0.27 -4.28 -8.70
CA VAL A 48 -0.12 -3.12 -7.82
C VAL A 48 1.15 -2.34 -8.17
N VAL A 49 1.05 -1.01 -8.07
CA VAL A 49 2.19 -0.15 -8.37
C VAL A 49 3.33 -0.38 -7.39
N GLU A 50 4.47 0.27 -7.64
CA GLU A 50 5.63 0.14 -6.78
C GLU A 50 5.25 0.33 -5.31
N PRO A 51 6.09 -0.19 -4.41
CA PRO A 51 5.86 -0.08 -2.96
C PRO A 51 6.02 1.34 -2.45
N GLU A 52 6.86 2.11 -3.13
CA GLU A 52 7.12 3.50 -2.74
C GLU A 52 5.81 4.26 -2.58
N VAL A 53 4.82 3.93 -3.42
CA VAL A 53 3.53 4.59 -3.36
C VAL A 53 2.60 3.90 -2.37
N VAL A 54 2.64 2.57 -2.35
CA VAL A 54 1.80 1.79 -1.45
C VAL A 54 1.95 2.29 -0.01
N ARG A 55 3.13 2.80 0.31
CA ARG A 55 3.40 3.30 1.66
C ARG A 55 2.62 4.59 1.92
N GLN A 56 2.91 5.63 1.14
CA GLN A 56 2.24 6.91 1.28
C GLN A 56 0.73 6.73 1.28
N ILE A 57 0.25 5.81 0.46
CA ILE A 57 -1.19 5.55 0.36
C ILE A 57 -1.70 4.82 1.60
N ALA A 58 -0.96 3.80 2.02
CA ALA A 58 -1.34 3.02 3.20
C ALA A 58 -1.37 3.89 4.45
N ILE A 59 -0.71 5.05 4.38
CA ILE A 59 -0.66 5.97 5.50
C ILE A 59 -1.91 6.85 5.54
N THR A 60 -2.30 7.38 4.38
CA THR A 60 -3.47 8.23 4.29
C THR A 60 -4.73 7.41 4.08
N ARG A 61 -4.56 6.09 3.96
CA ARG A 61 -5.70 5.20 3.76
C ARG A 61 -5.85 4.24 4.94
N LEU A 62 -4.75 3.58 5.30
CA LEU A 62 -4.77 2.63 6.42
C LEU A 62 -4.32 3.31 7.72
N LYS A 63 -4.19 4.64 7.67
CA LYS A 63 -3.77 5.40 8.83
C LYS A 63 -2.51 4.81 9.45
N TRP A 64 -1.67 4.20 8.61
CA TRP A 64 -0.42 3.61 9.07
C TRP A 64 0.50 4.66 9.67
N VAL A 65 1.36 4.23 10.59
CA VAL A 65 2.30 5.14 11.24
C VAL A 65 3.58 4.41 11.64
N GLU A 66 4.69 4.82 11.05
CA GLU A 66 5.98 4.21 11.34
C GLU A 66 6.23 4.16 12.85
N PRO A 67 7.10 3.23 13.27
CA PRO A 67 7.45 3.06 14.69
C PRO A 67 8.28 4.23 15.22
N GLY A 1 3.05 18.12 -5.38
CA GLY A 1 2.21 19.29 -5.19
C GLY A 1 2.54 20.40 -6.17
N PRO A 2 3.66 21.09 -5.94
CA PRO A 2 4.11 22.19 -6.81
C PRO A 2 4.55 21.71 -8.18
N LEU A 3 5.04 20.47 -8.24
CA LEU A 3 5.50 19.89 -9.49
C LEU A 3 4.33 19.60 -10.42
N GLY A 4 3.39 18.78 -9.95
CA GLY A 4 2.23 18.44 -10.76
C GLY A 4 1.63 17.11 -10.36
N SER A 5 1.22 16.32 -11.35
CA SER A 5 0.62 15.02 -11.10
C SER A 5 1.17 13.97 -12.05
N VAL A 6 1.71 12.89 -11.48
CA VAL A 6 2.28 11.81 -12.26
C VAL A 6 1.19 10.87 -12.76
N ALA A 7 1.60 9.86 -13.54
CA ALA A 7 0.66 8.89 -14.09
C ALA A 7 0.19 7.93 -13.01
N LYS A 8 -1.06 8.07 -12.59
CA LYS A 8 -1.64 7.21 -11.56
C LYS A 8 -2.91 6.54 -12.06
N LYS A 9 -2.86 5.22 -12.25
CA LYS A 9 -4.00 4.47 -12.72
C LYS A 9 -4.36 3.35 -11.74
N ILE A 10 -4.36 3.67 -10.45
CA ILE A 10 -4.69 2.69 -9.42
C ILE A 10 -5.88 3.14 -8.59
N THR A 11 -6.95 2.35 -8.61
CA THR A 11 -8.16 2.66 -7.87
C THR A 11 -8.22 1.88 -6.57
N TRP A 12 -7.75 2.49 -5.48
CA TRP A 12 -7.75 1.85 -4.17
C TRP A 12 -9.17 1.71 -3.64
N ARG A 13 -9.66 0.47 -3.57
CA ARG A 13 -11.00 0.20 -3.07
C ARG A 13 -10.98 -0.09 -1.58
N LYS A 14 -12.09 0.22 -0.91
CA LYS A 14 -12.20 0.00 0.53
C LYS A 14 -11.93 -1.46 0.87
N GLN A 15 -12.48 -2.37 0.07
CA GLN A 15 -12.29 -3.80 0.29
C GLN A 15 -10.85 -4.22 -0.02
N ASP A 16 -10.25 -3.55 -0.99
CA ASP A 16 -8.87 -3.85 -1.38
C ASP A 16 -7.90 -3.54 -0.24
N LEU A 17 -8.14 -2.42 0.44
CA LEU A 17 -7.29 -2.01 1.55
C LEU A 17 -7.36 -3.02 2.69
N ASP A 18 -8.48 -3.74 2.78
CA ASP A 18 -8.68 -4.73 3.82
C ASP A 18 -7.57 -5.78 3.79
N ARG A 19 -7.34 -6.36 2.61
CA ARG A 19 -6.32 -7.37 2.45
C ARG A 19 -4.93 -6.79 2.70
N LEU A 20 -4.69 -5.59 2.19
CA LEU A 20 -3.41 -4.92 2.35
C LEU A 20 -3.03 -4.85 3.82
N LYS A 21 -4.03 -4.82 4.69
CA LYS A 21 -3.79 -4.75 6.13
C LYS A 21 -3.37 -6.11 6.68
N ARG A 22 -4.04 -7.16 6.22
CA ARG A 22 -3.73 -8.52 6.66
C ARG A 22 -2.25 -8.84 6.43
N VAL A 23 -1.66 -8.17 5.45
CA VAL A 23 -0.26 -8.39 5.12
C VAL A 23 0.66 -7.58 6.03
N ILE A 24 0.37 -6.29 6.16
CA ILE A 24 1.16 -5.41 7.01
C ILE A 24 1.25 -5.96 8.43
N ALA A 25 0.24 -6.73 8.83
CA ALA A 25 0.21 -7.30 10.17
C ALA A 25 1.13 -8.50 10.27
N LEU A 26 1.36 -9.17 9.14
CA LEU A 26 2.23 -10.34 9.10
C LEU A 26 3.68 -9.93 8.86
N LYS A 27 3.91 -9.18 7.78
CA LYS A 27 5.25 -8.72 7.44
C LYS A 27 5.73 -7.67 8.43
N LYS A 28 4.86 -6.70 8.72
CA LYS A 28 5.19 -5.63 9.65
C LYS A 28 6.48 -4.93 9.23
N PRO A 29 6.38 -4.11 8.17
CA PRO A 29 7.52 -3.36 7.64
C PRO A 29 7.97 -2.24 8.59
N SER A 30 9.10 -1.62 8.27
CA SER A 30 9.64 -0.54 9.08
C SER A 30 9.85 0.72 8.25
N ALA A 31 8.92 0.99 7.35
CA ALA A 31 9.00 2.16 6.49
C ALA A 31 10.22 2.08 5.57
N SER A 32 10.13 1.20 4.58
CA SER A 32 11.23 1.01 3.63
C SER A 32 10.77 0.25 2.39
N ASP A 33 11.10 0.77 1.22
CA ASP A 33 10.72 0.12 -0.03
C ASP A 33 11.12 -1.35 -0.04
N ALA A 34 12.22 -1.66 0.64
CA ALA A 34 12.71 -3.02 0.72
C ALA A 34 11.72 -3.93 1.45
N ASP A 35 11.28 -3.49 2.62
CA ASP A 35 10.34 -4.26 3.41
C ASP A 35 8.99 -4.38 2.70
N TRP A 36 8.55 -3.28 2.10
CA TRP A 36 7.29 -3.25 1.39
C TRP A 36 7.33 -4.14 0.16
N THR A 37 8.55 -4.47 -0.28
CA THR A 37 8.73 -5.32 -1.45
C THR A 37 7.93 -6.62 -1.32
N GLU A 38 7.91 -7.18 -0.11
CA GLU A 38 7.18 -8.41 0.14
C GLU A 38 5.69 -8.14 0.29
N VAL A 39 5.34 -7.16 1.11
CA VAL A 39 3.95 -6.80 1.34
C VAL A 39 3.25 -6.50 0.03
N LEU A 40 3.96 -5.87 -0.89
CA LEU A 40 3.40 -5.52 -2.19
C LEU A 40 3.39 -6.73 -3.12
N ARG A 41 4.21 -7.72 -2.80
CA ARG A 41 4.31 -8.93 -3.61
C ARG A 41 2.96 -9.68 -3.62
N LEU A 42 2.22 -9.56 -2.52
CA LEU A 42 0.93 -10.23 -2.41
C LEU A 42 -0.13 -9.49 -3.22
N LEU A 43 -0.32 -8.21 -2.91
CA LEU A 43 -1.30 -7.39 -3.62
C LEU A 43 -0.89 -7.16 -5.07
N ALA A 44 0.35 -7.49 -5.37
CA ALA A 44 0.88 -7.32 -6.73
C ALA A 44 0.03 -8.08 -7.74
N LYS A 45 -0.80 -9.00 -7.24
CA LYS A 45 -1.67 -9.79 -8.11
C LYS A 45 -2.53 -8.90 -8.98
N GLU A 46 -2.77 -7.67 -8.52
CA GLU A 46 -3.58 -6.72 -9.26
C GLU A 46 -2.71 -5.66 -9.93
N GLY A 47 -1.47 -6.03 -10.24
CA GLY A 47 -0.56 -5.10 -10.87
C GLY A 47 -0.43 -3.80 -10.11
N VAL A 48 -0.19 -3.91 -8.80
CA VAL A 48 -0.06 -2.73 -7.96
C VAL A 48 1.21 -1.96 -8.30
N VAL A 49 1.13 -0.64 -8.20
CA VAL A 49 2.28 0.23 -8.50
C VAL A 49 3.40 0.00 -7.50
N GLU A 50 4.54 0.63 -7.75
CA GLU A 50 5.69 0.51 -6.87
C GLU A 50 5.30 0.68 -5.42
N PRO A 51 6.13 0.16 -4.50
CA PRO A 51 5.89 0.24 -3.06
C PRO A 51 6.04 1.67 -2.52
N GLU A 52 6.80 2.48 -3.25
CA GLU A 52 7.02 3.86 -2.85
C GLU A 52 5.70 4.58 -2.57
N VAL A 53 4.67 4.22 -3.32
CA VAL A 53 3.35 4.82 -3.16
C VAL A 53 2.54 4.07 -2.11
N VAL A 54 2.58 2.75 -2.18
CA VAL A 54 1.84 1.91 -1.23
C VAL A 54 2.25 2.22 0.20
N ARG A 55 3.45 2.77 0.36
CA ARG A 55 3.95 3.12 1.69
C ARG A 55 3.27 4.36 2.23
N GLN A 56 3.03 5.32 1.34
CA GLN A 56 2.38 6.57 1.73
C GLN A 56 0.86 6.42 1.75
N ILE A 57 0.32 5.88 0.66
CA ILE A 57 -1.11 5.67 0.54
C ILE A 57 -1.66 4.86 1.73
N ALA A 58 -0.89 3.87 2.15
CA ALA A 58 -1.29 3.02 3.27
C ALA A 58 -1.44 3.84 4.55
N ILE A 59 -0.83 5.03 4.56
CA ILE A 59 -0.91 5.90 5.72
C ILE A 59 -2.20 6.72 5.71
N THR A 60 -2.54 7.26 4.55
CA THR A 60 -3.75 8.07 4.41
C THR A 60 -4.95 7.19 4.11
N ARG A 61 -4.72 5.89 3.97
CA ARG A 61 -5.79 4.94 3.69
C ARG A 61 -5.96 3.95 4.83
N LEU A 62 -4.86 3.34 5.25
CA LEU A 62 -4.87 2.36 6.33
C LEU A 62 -4.47 3.00 7.65
N LYS A 63 -4.45 4.33 7.67
CA LYS A 63 -4.08 5.07 8.87
C LYS A 63 -2.76 4.57 9.44
N TRP A 64 -1.90 4.08 8.56
CA TRP A 64 -0.59 3.56 8.97
C TRP A 64 0.28 4.68 9.53
N VAL A 65 1.21 4.32 10.42
CA VAL A 65 2.11 5.30 11.01
C VAL A 65 3.46 4.66 11.35
N GLU A 66 4.52 5.15 10.71
CA GLU A 66 5.86 4.63 10.95
C GLU A 66 6.19 4.61 12.44
N PRO A 67 7.13 3.74 12.82
CA PRO A 67 7.55 3.61 14.22
C PRO A 67 8.33 4.83 14.72
N GLY A 1 2.34 20.41 2.97
CA GLY A 1 3.71 20.23 2.55
C GLY A 1 3.82 19.68 1.14
N PRO A 2 5.06 19.49 0.67
CA PRO A 2 5.33 18.96 -0.67
C PRO A 2 4.93 17.49 -0.81
N LEU A 3 5.24 16.90 -1.96
CA LEU A 3 4.91 15.51 -2.22
C LEU A 3 3.42 15.25 -2.05
N GLY A 4 2.61 16.19 -2.53
CA GLY A 4 1.17 16.04 -2.41
C GLY A 4 0.58 15.17 -3.51
N SER A 5 0.20 13.94 -3.15
CA SER A 5 -0.36 13.00 -4.10
C SER A 5 0.64 12.68 -5.20
N VAL A 6 0.25 11.77 -6.10
CA VAL A 6 1.13 11.37 -7.20
C VAL A 6 0.34 10.58 -8.25
N ALA A 7 0.77 10.70 -9.50
CA ALA A 7 0.12 10.00 -10.60
C ALA A 7 0.03 8.50 -10.32
N LYS A 8 -1.19 7.97 -10.33
CA LYS A 8 -1.41 6.56 -10.08
C LYS A 8 -2.48 6.00 -11.01
N LYS A 9 -2.48 4.69 -11.19
CA LYS A 9 -3.46 4.03 -12.07
C LYS A 9 -4.13 2.88 -11.33
N ILE A 10 -4.17 2.95 -10.01
CA ILE A 10 -4.79 1.91 -9.20
C ILE A 10 -5.66 2.52 -8.11
N THR A 11 -6.97 2.32 -8.22
CA THR A 11 -7.91 2.85 -7.24
C THR A 11 -8.06 1.90 -6.06
N TRP A 12 -7.48 2.29 -4.93
CA TRP A 12 -7.55 1.46 -3.72
C TRP A 12 -8.93 1.56 -3.08
N ARG A 13 -9.67 0.46 -3.12
CA ARG A 13 -11.01 0.42 -2.54
C ARG A 13 -10.99 -0.25 -1.17
N LYS A 14 -12.16 -0.29 -0.52
CA LYS A 14 -12.27 -0.90 0.80
C LYS A 14 -11.88 -2.37 0.76
N GLN A 15 -12.11 -3.01 -0.38
CA GLN A 15 -11.79 -4.41 -0.55
C GLN A 15 -10.28 -4.65 -0.45
N ASP A 16 -9.54 -4.01 -1.33
CA ASP A 16 -8.08 -4.14 -1.34
C ASP A 16 -7.48 -3.62 -0.04
N LEU A 17 -8.13 -2.62 0.55
CA LEU A 17 -7.66 -2.03 1.80
C LEU A 17 -7.68 -3.06 2.92
N ASP A 18 -8.80 -3.75 3.06
CA ASP A 18 -8.94 -4.77 4.10
C ASP A 18 -7.81 -5.80 4.01
N ARG A 19 -7.45 -6.17 2.79
CA ARG A 19 -6.40 -7.15 2.57
C ARG A 19 -5.03 -6.57 2.94
N LEU A 20 -4.72 -5.41 2.39
CA LEU A 20 -3.45 -4.75 2.67
C LEU A 20 -3.24 -4.57 4.16
N LYS A 21 -4.33 -4.26 4.87
CA LYS A 21 -4.27 -4.06 6.31
C LYS A 21 -3.88 -5.36 7.02
N ARG A 22 -4.20 -6.48 6.41
CA ARG A 22 -3.88 -7.79 6.98
C ARG A 22 -2.44 -8.16 6.71
N VAL A 23 -1.90 -7.69 5.59
CA VAL A 23 -0.52 -7.96 5.21
C VAL A 23 0.46 -7.26 6.15
N ILE A 24 0.24 -5.97 6.36
CA ILE A 24 1.09 -5.18 7.23
C ILE A 24 1.18 -5.79 8.63
N ALA A 25 0.15 -6.54 8.99
CA ALA A 25 0.11 -7.20 10.30
C ALA A 25 0.93 -8.48 10.30
N LEU A 26 1.05 -9.10 9.13
CA LEU A 26 1.80 -10.34 9.00
C LEU A 26 3.28 -10.05 8.73
N LYS A 27 3.54 -9.31 7.66
CA LYS A 27 4.91 -8.95 7.29
C LYS A 27 5.51 -7.97 8.30
N LYS A 28 4.74 -6.94 8.64
CA LYS A 28 5.18 -5.93 9.59
C LYS A 28 6.46 -5.26 9.10
N PRO A 29 6.32 -4.39 8.09
CA PRO A 29 7.46 -3.66 7.51
C PRO A 29 8.02 -2.61 8.46
N SER A 30 9.13 -2.00 8.08
CA SER A 30 9.77 -0.98 8.90
C SER A 30 10.00 0.30 8.10
N ALA A 31 8.98 0.70 7.35
CA ALA A 31 9.06 1.91 6.54
C ALA A 31 10.27 1.87 5.61
N SER A 32 10.13 1.17 4.50
CA SER A 32 11.21 1.04 3.52
C SER A 32 10.75 0.25 2.30
N ASP A 33 11.11 0.73 1.12
CA ASP A 33 10.73 0.06 -0.12
C ASP A 33 11.14 -1.40 -0.08
N ALA A 34 12.22 -1.70 0.64
CA ALA A 34 12.71 -3.06 0.76
C ALA A 34 11.70 -3.96 1.45
N ASP A 35 11.23 -3.53 2.62
CA ASP A 35 10.25 -4.30 3.38
C ASP A 35 8.92 -4.36 2.65
N TRP A 36 8.56 -3.27 1.98
CA TRP A 36 7.31 -3.19 1.24
C TRP A 36 7.33 -4.15 0.05
N THR A 37 8.53 -4.54 -0.37
CA THR A 37 8.69 -5.44 -1.50
C THR A 37 7.88 -6.73 -1.29
N GLU A 38 7.80 -7.17 -0.04
CA GLU A 38 7.06 -8.39 0.28
C GLU A 38 5.57 -8.10 0.40
N VAL A 39 5.21 -7.11 1.22
CA VAL A 39 3.82 -6.74 1.41
C VAL A 39 3.15 -6.43 0.08
N LEU A 40 3.89 -5.80 -0.82
CA LEU A 40 3.36 -5.44 -2.14
C LEU A 40 3.38 -6.64 -3.07
N ARG A 41 4.17 -7.65 -2.73
CA ARG A 41 4.28 -8.86 -3.54
C ARG A 41 2.90 -9.48 -3.75
N LEU A 42 2.14 -9.58 -2.67
CA LEU A 42 0.80 -10.16 -2.73
C LEU A 42 -0.23 -9.13 -3.18
N LEU A 43 -0.06 -7.90 -2.69
CA LEU A 43 -0.98 -6.82 -3.04
C LEU A 43 -0.84 -6.44 -4.51
N ALA A 44 0.21 -6.93 -5.15
CA ALA A 44 0.45 -6.65 -6.55
C ALA A 44 -0.34 -7.61 -7.45
N LYS A 45 -1.45 -8.11 -6.93
CA LYS A 45 -2.30 -9.04 -7.68
C LYS A 45 -2.88 -8.36 -8.92
N GLU A 46 -2.90 -7.03 -8.91
CA GLU A 46 -3.43 -6.26 -10.03
C GLU A 46 -2.34 -5.40 -10.66
N GLY A 47 -1.09 -5.82 -10.48
CA GLY A 47 0.02 -5.07 -11.04
C GLY A 47 0.20 -3.71 -10.38
N VAL A 48 0.13 -3.68 -9.06
CA VAL A 48 0.27 -2.44 -8.31
C VAL A 48 1.63 -1.80 -8.58
N VAL A 49 1.66 -0.47 -8.61
CA VAL A 49 2.89 0.27 -8.85
C VAL A 49 3.91 0.02 -7.75
N GLU A 50 5.11 0.54 -7.92
CA GLU A 50 6.18 0.38 -6.93
C GLU A 50 5.66 0.65 -5.53
N PRO A 51 6.37 0.13 -4.53
CA PRO A 51 6.01 0.29 -3.11
C PRO A 51 6.20 1.72 -2.64
N GLU A 52 6.97 2.50 -3.39
CA GLU A 52 7.25 3.89 -3.04
C GLU A 52 5.95 4.64 -2.78
N VAL A 53 4.90 4.29 -3.51
CA VAL A 53 3.59 4.93 -3.35
C VAL A 53 2.77 4.24 -2.27
N VAL A 54 2.76 2.91 -2.31
CA VAL A 54 2.01 2.14 -1.34
C VAL A 54 2.35 2.56 0.09
N ARG A 55 3.58 3.02 0.28
CA ARG A 55 4.03 3.46 1.60
C ARG A 55 3.13 4.57 2.14
N GLN A 56 2.75 5.49 1.26
CA GLN A 56 1.89 6.60 1.66
C GLN A 56 0.42 6.20 1.61
N ILE A 57 0.05 5.41 0.61
CA ILE A 57 -1.32 4.94 0.45
C ILE A 57 -1.80 4.21 1.70
N ALA A 58 -0.96 3.32 2.21
CA ALA A 58 -1.30 2.55 3.40
C ALA A 58 -1.48 3.46 4.61
N ILE A 59 -0.93 4.67 4.52
CA ILE A 59 -1.03 5.64 5.60
C ILE A 59 -2.34 6.41 5.52
N THR A 60 -2.71 6.82 4.30
CA THR A 60 -3.93 7.58 4.09
C THR A 60 -5.12 6.65 3.89
N ARG A 61 -4.86 5.35 3.90
CA ARG A 61 -5.91 4.35 3.72
C ARG A 61 -6.04 3.48 4.96
N LEU A 62 -4.93 2.94 5.42
CA LEU A 62 -4.92 2.08 6.60
C LEU A 62 -4.49 2.87 7.84
N LYS A 63 -4.50 4.19 7.73
CA LYS A 63 -4.12 5.06 8.85
C LYS A 63 -2.77 4.63 9.42
N TRP A 64 -1.92 4.06 8.57
CA TRP A 64 -0.60 3.62 9.00
C TRP A 64 0.27 4.80 9.40
N VAL A 65 1.31 4.52 10.19
CA VAL A 65 2.22 5.57 10.65
C VAL A 65 3.62 5.01 10.87
N GLU A 66 4.59 5.58 10.17
CA GLU A 66 5.98 5.15 10.29
C GLU A 66 6.41 5.11 11.74
N PRO A 67 7.43 4.29 12.03
CA PRO A 67 7.97 4.15 13.40
C PRO A 67 8.71 5.40 13.87
N GLY A 1 8.48 13.09 -19.72
CA GLY A 1 8.28 13.95 -20.87
C GLY A 1 6.82 14.28 -21.09
N PRO A 2 6.53 15.00 -22.18
CA PRO A 2 5.17 15.39 -22.54
C PRO A 2 4.31 14.21 -22.96
N LEU A 3 4.91 13.28 -23.70
CA LEU A 3 4.20 12.10 -24.17
C LEU A 3 5.09 10.86 -24.08
N GLY A 4 4.64 9.88 -23.30
CA GLY A 4 5.41 8.65 -23.15
C GLY A 4 4.68 7.62 -22.32
N SER A 5 4.02 8.08 -21.25
CA SER A 5 3.30 7.18 -20.36
C SER A 5 1.87 6.95 -20.87
N VAL A 6 1.09 6.21 -20.09
CA VAL A 6 -0.30 5.93 -20.46
C VAL A 6 -1.22 6.10 -19.27
N ALA A 7 -2.48 6.47 -19.54
CA ALA A 7 -3.47 6.66 -18.50
C ALA A 7 -3.63 5.41 -17.65
N LYS A 8 -3.03 5.43 -16.46
CA LYS A 8 -3.10 4.28 -15.55
C LYS A 8 -3.23 4.75 -14.11
N LYS A 9 -4.44 4.69 -13.57
CA LYS A 9 -4.70 5.10 -12.20
C LYS A 9 -5.32 3.96 -11.39
N ILE A 10 -4.87 3.82 -10.15
CA ILE A 10 -5.38 2.77 -9.27
C ILE A 10 -6.33 3.33 -8.22
N THR A 11 -7.44 2.64 -8.01
CA THR A 11 -8.43 3.08 -7.03
C THR A 11 -8.51 2.11 -5.86
N TRP A 12 -7.92 2.49 -4.73
CA TRP A 12 -7.93 1.66 -3.54
C TRP A 12 -9.31 1.64 -2.90
N ARG A 13 -10.05 0.56 -3.11
CA ARG A 13 -11.40 0.42 -2.55
C ARG A 13 -11.33 0.01 -1.09
N LYS A 14 -12.49 -0.12 -0.46
CA LYS A 14 -12.57 -0.51 0.94
C LYS A 14 -12.12 -1.96 1.13
N GLN A 15 -12.43 -2.80 0.14
CA GLN A 15 -12.06 -4.21 0.19
C GLN A 15 -10.58 -4.39 -0.13
N ASP A 16 -10.11 -3.67 -1.13
CA ASP A 16 -8.71 -3.76 -1.54
C ASP A 16 -7.78 -3.56 -0.35
N LEU A 17 -8.15 -2.65 0.55
CA LEU A 17 -7.36 -2.37 1.74
C LEU A 17 -7.62 -3.40 2.83
N ASP A 18 -8.81 -3.99 2.81
CA ASP A 18 -9.18 -5.00 3.79
C ASP A 18 -8.14 -6.11 3.86
N ARG A 19 -7.65 -6.52 2.70
CA ARG A 19 -6.65 -7.58 2.62
C ARG A 19 -5.26 -7.02 2.88
N LEU A 20 -4.96 -5.88 2.27
CA LEU A 20 -3.66 -5.24 2.43
C LEU A 20 -3.32 -5.07 3.91
N LYS A 21 -4.35 -4.93 4.74
CA LYS A 21 -4.16 -4.75 6.17
C LYS A 21 -3.55 -6.00 6.79
N ARG A 22 -4.15 -7.15 6.51
CA ARG A 22 -3.67 -8.42 7.05
C ARG A 22 -2.21 -8.64 6.68
N VAL A 23 -1.78 -8.03 5.57
CA VAL A 23 -0.40 -8.15 5.11
C VAL A 23 0.55 -7.35 5.99
N ILE A 24 0.20 -6.10 6.23
CA ILE A 24 1.02 -5.22 7.05
C ILE A 24 1.12 -5.74 8.48
N ALA A 25 0.10 -6.49 8.91
CA ALA A 25 0.06 -7.05 10.25
C ALA A 25 0.90 -8.31 10.34
N LEU A 26 1.06 -8.99 9.20
CA LEU A 26 1.84 -10.23 9.15
C LEU A 26 3.32 -9.93 8.89
N LYS A 27 3.58 -8.98 7.99
CA LYS A 27 4.94 -8.60 7.65
C LYS A 27 5.46 -7.54 8.62
N LYS A 28 4.64 -6.52 8.86
CA LYS A 28 5.01 -5.44 9.77
C LYS A 28 6.33 -4.79 9.33
N PRO A 29 6.29 -4.06 8.21
CA PRO A 29 7.48 -3.38 7.67
C PRO A 29 7.92 -2.21 8.53
N SER A 30 9.21 -1.90 8.48
CA SER A 30 9.77 -0.81 9.27
C SER A 30 9.98 0.43 8.40
N ALA A 31 9.06 0.65 7.47
CA ALA A 31 9.14 1.81 6.58
C ALA A 31 10.39 1.72 5.68
N SER A 32 10.30 0.91 4.64
CA SER A 32 11.42 0.73 3.72
C SER A 32 10.96 0.00 2.46
N ASP A 33 11.38 0.52 1.31
CA ASP A 33 11.03 -0.08 0.03
C ASP A 33 11.36 -1.57 0.01
N ALA A 34 12.39 -1.95 0.76
CA ALA A 34 12.81 -3.34 0.84
C ALA A 34 11.79 -4.18 1.59
N ASP A 35 11.22 -3.61 2.64
CA ASP A 35 10.22 -4.31 3.44
C ASP A 35 8.89 -4.40 2.71
N TRP A 36 8.58 -3.36 1.95
CA TRP A 36 7.32 -3.32 1.20
C TRP A 36 7.38 -4.25 -0.01
N THR A 37 8.60 -4.64 -0.38
CA THR A 37 8.79 -5.54 -1.51
C THR A 37 7.95 -6.79 -1.38
N GLU A 38 7.76 -7.25 -0.15
CA GLU A 38 6.98 -8.45 0.12
C GLU A 38 5.49 -8.13 0.13
N VAL A 39 5.11 -7.16 0.96
CA VAL A 39 3.70 -6.76 1.08
C VAL A 39 3.12 -6.43 -0.29
N LEU A 40 3.87 -5.66 -1.08
CA LEU A 40 3.43 -5.27 -2.41
C LEU A 40 3.47 -6.45 -3.36
N ARG A 41 4.23 -7.48 -3.00
CA ARG A 41 4.35 -8.67 -3.83
C ARG A 41 3.03 -9.42 -3.90
N LEU A 42 2.52 -9.85 -2.75
CA LEU A 42 1.26 -10.58 -2.69
C LEU A 42 0.13 -9.76 -3.31
N LEU A 43 0.25 -8.44 -3.23
CA LEU A 43 -0.76 -7.54 -3.78
C LEU A 43 -0.48 -7.24 -5.25
N ALA A 44 0.72 -7.60 -5.70
CA ALA A 44 1.11 -7.37 -7.08
C ALA A 44 0.15 -8.05 -8.05
N LYS A 45 -0.67 -8.96 -7.52
CA LYS A 45 -1.64 -9.68 -8.34
C LYS A 45 -2.55 -8.70 -9.09
N GLU A 46 -2.69 -7.50 -8.55
CA GLU A 46 -3.52 -6.48 -9.16
C GLU A 46 -2.67 -5.40 -9.83
N GLY A 47 -1.48 -5.78 -10.27
CA GLY A 47 -0.59 -4.84 -10.92
C GLY A 47 -0.35 -3.60 -10.09
N VAL A 48 -0.02 -3.78 -8.81
CA VAL A 48 0.22 -2.67 -7.91
C VAL A 48 1.50 -1.93 -8.28
N VAL A 49 1.49 -0.61 -8.11
CA VAL A 49 2.65 0.21 -8.43
C VAL A 49 3.76 0.00 -7.40
N GLU A 50 4.92 0.61 -7.66
CA GLU A 50 6.06 0.49 -6.76
C GLU A 50 5.64 0.74 -5.32
N PRO A 51 6.44 0.25 -4.37
CA PRO A 51 6.19 0.41 -2.93
C PRO A 51 6.37 1.85 -2.47
N GLU A 52 7.12 2.62 -3.25
CA GLU A 52 7.37 4.02 -2.91
C GLU A 52 6.06 4.76 -2.63
N VAL A 53 5.02 4.40 -3.38
CA VAL A 53 3.72 5.03 -3.21
C VAL A 53 2.90 4.32 -2.14
N VAL A 54 2.89 2.99 -2.19
CA VAL A 54 2.15 2.20 -1.22
C VAL A 54 2.48 2.61 0.21
N ARG A 55 3.71 3.08 0.40
CA ARG A 55 4.17 3.51 1.73
C ARG A 55 3.35 4.70 2.21
N GLN A 56 3.06 5.63 1.31
CA GLN A 56 2.29 6.82 1.65
C GLN A 56 0.80 6.54 1.58
N ILE A 57 0.38 5.82 0.54
CA ILE A 57 -1.03 5.48 0.37
C ILE A 57 -1.55 4.68 1.55
N ALA A 58 -0.74 3.75 2.03
CA ALA A 58 -1.12 2.92 3.17
C ALA A 58 -1.35 3.76 4.42
N ILE A 59 -0.82 4.98 4.42
CA ILE A 59 -0.97 5.88 5.54
C ILE A 59 -2.30 6.63 5.48
N THR A 60 -2.63 7.13 4.29
CA THR A 60 -3.88 7.85 4.09
C THR A 60 -5.03 6.91 3.79
N ARG A 61 -4.72 5.62 3.69
CA ARG A 61 -5.73 4.61 3.41
C ARG A 61 -5.89 3.64 4.58
N LEU A 62 -4.75 3.10 5.03
CA LEU A 62 -4.76 2.15 6.15
C LEU A 62 -4.41 2.85 7.45
N LYS A 63 -4.47 4.18 7.45
CA LYS A 63 -4.16 4.97 8.63
C LYS A 63 -2.82 4.56 9.23
N TRP A 64 -1.91 4.10 8.38
CA TRP A 64 -0.60 3.67 8.83
C TRP A 64 0.23 4.86 9.33
N VAL A 65 1.23 4.57 10.14
CA VAL A 65 2.09 5.62 10.69
C VAL A 65 3.50 5.10 10.94
N GLU A 66 4.47 5.67 10.23
CA GLU A 66 5.86 5.26 10.37
C GLU A 66 6.28 5.28 11.84
N PRO A 67 7.32 4.50 12.16
CA PRO A 67 7.84 4.40 13.53
C PRO A 67 8.54 5.68 13.97
#